data_5DTK
#
_entry.id   5DTK
#
_cell.length_a   45.523
_cell.length_b   124.310
_cell.length_c   108.742
_cell.angle_alpha   90.000
_cell.angle_beta   98.263
_cell.angle_gamma   90.000
#
_symmetry.space_group_name_H-M   'P 1 21 1'
#
loop_
_entity.id
_entity.type
_entity.pdbx_description
1 polymer Beta-lactamase
2 non-polymer 'CHLORIDE ION'
3 non-polymer 1,2-ETHANEDIOL
4 non-polymer '3,5-di(pyridin-4-yl)benzoic acid'
5 water water
#
_entity_poly.entity_id   1
_entity_poly.type   'polypeptide(L)'
_entity_poly.pdbx_seq_one_letter_code
;MRVLALSAVFLVASIIGMPAVAKEWQENKSWNAHFTEHKSQGVVVLWNENKQQGFTNNLKRANQAFLPASTF(KCX)IPN
SLIALDLGVVKDEHQVFKWDGQTRDIATWNRDHNLITAMKYSVVPVYQEFARQIGEARMSKMLHAFDYGNEDISGNVDSF
WLDGGIRISATEQISFLRKLYHNKLHVSERSQRIVKQAMLTEANGDYIIRAKTGYSTRIEPKIGWWVGWVELDDNVWFFA
MNMDMPTSDGLGLRQAITKEVLKQEKIIP
;
_entity_poly.pdbx_strand_id   A,B,C,D
#
loop_
_chem_comp.id
_chem_comp.type
_chem_comp.name
_chem_comp.formula
5F3 non-polymer '3,5-di(pyridin-4-yl)benzoic acid' 'C17 H12 N2 O2'
CL non-polymer 'CHLORIDE ION' 'Cl -1'
EDO non-polymer 1,2-ETHANEDIOL 'C2 H6 O2'
#
# COMPACT_ATOMS: atom_id res chain seq x y z
N LYS A 23 -16.05 12.57 -42.40
CA LYS A 23 -16.84 11.71 -41.52
C LYS A 23 -16.29 11.80 -40.10
N GLU A 24 -17.17 12.01 -39.13
CA GLU A 24 -16.71 12.20 -37.76
C GLU A 24 -16.07 10.94 -37.21
N TRP A 25 -16.63 9.77 -37.52
CA TRP A 25 -16.18 8.51 -36.96
C TRP A 25 -15.89 7.54 -38.09
N GLN A 26 -14.75 6.87 -38.00
CA GLN A 26 -14.34 5.91 -39.01
C GLN A 26 -13.93 4.62 -38.32
N GLU A 27 -14.39 3.50 -38.87
CA GLU A 27 -14.04 2.18 -38.36
C GLU A 27 -12.90 1.63 -39.21
N ASN A 28 -11.83 1.19 -38.55
CA ASN A 28 -10.65 0.61 -39.21
C ASN A 28 -10.46 -0.79 -38.65
N LYS A 29 -11.01 -1.77 -39.35
CA LYS A 29 -10.93 -3.14 -38.82
C LYS A 29 -9.54 -3.75 -38.97
N SER A 30 -8.61 -3.11 -39.69
CA SER A 30 -7.27 -3.67 -39.78
C SER A 30 -6.59 -3.71 -38.42
N TRP A 31 -6.96 -2.83 -37.49
CA TRP A 31 -6.37 -2.90 -36.15
C TRP A 31 -6.72 -4.20 -35.45
N ASN A 32 -7.75 -4.90 -35.90
CA ASN A 32 -8.09 -6.17 -35.24
C ASN A 32 -6.92 -7.14 -35.27
N ALA A 33 -6.06 -7.02 -36.28
CA ALA A 33 -4.90 -7.89 -36.36
C ALA A 33 -4.01 -7.77 -35.13
N HIS A 34 -3.95 -6.59 -34.53
CA HIS A 34 -3.09 -6.41 -33.36
C HIS A 34 -3.64 -7.16 -32.14
N PHE A 35 -4.96 -7.38 -32.10
CA PHE A 35 -5.56 -8.19 -31.06
C PHE A 35 -5.45 -9.68 -31.40
N THR A 36 -5.73 -10.04 -32.66
CA THR A 36 -5.68 -11.43 -33.08
C THR A 36 -4.28 -12.01 -32.91
N GLU A 37 -3.26 -11.19 -33.16
CA GLU A 37 -1.87 -11.62 -32.97
C GLU A 37 -1.69 -12.29 -31.64
N HIS A 38 -2.39 -11.79 -30.62
CA HIS A 38 -2.23 -12.22 -29.24
C HIS A 38 -3.39 -13.07 -28.77
N LYS A 39 -4.18 -13.59 -29.69
CA LYS A 39 -5.33 -14.43 -29.36
C LYS A 39 -6.26 -13.70 -28.41
N SER A 40 -6.43 -12.40 -28.66
N SER A 40 -6.45 -12.41 -28.66
CA SER A 40 -7.17 -11.48 -27.82
CA SER A 40 -7.24 -11.55 -27.79
C SER A 40 -8.31 -10.85 -28.61
C SER A 40 -8.29 -10.82 -28.62
N GLN A 41 -9.17 -10.12 -27.91
CA GLN A 41 -10.22 -9.31 -28.50
C GLN A 41 -10.34 -8.03 -27.71
N GLY A 42 -10.60 -6.94 -28.40
CA GLY A 42 -10.79 -5.67 -27.71
C GLY A 42 -11.04 -4.55 -28.67
N VAL A 43 -11.02 -3.34 -28.13
CA VAL A 43 -11.26 -2.13 -28.90
C VAL A 43 -10.22 -1.09 -28.53
N VAL A 44 -9.76 -0.38 -29.54
CA VAL A 44 -9.01 0.87 -29.39
C VAL A 44 -9.85 1.98 -30.02
N VAL A 45 -9.96 3.11 -29.31
CA VAL A 45 -10.63 4.30 -29.81
C VAL A 45 -9.61 5.42 -29.77
N LEU A 46 -9.44 6.11 -30.90
CA LEU A 46 -8.56 7.27 -31.02
C LEU A 46 -9.38 8.48 -31.39
N TRP A 47 -8.96 9.65 -30.89
CA TRP A 47 -9.59 10.91 -31.22
C TRP A 47 -8.50 11.92 -31.57
N ASN A 48 -8.52 12.40 -32.80
CA ASN A 48 -7.62 13.43 -33.27
C ASN A 48 -8.21 14.79 -32.88
N GLU A 49 -7.58 15.48 -31.93
CA GLU A 49 -8.19 16.71 -31.39
C GLU A 49 -8.23 17.81 -32.44
N ASN A 50 -7.14 18.00 -33.20
CA ASN A 50 -7.11 19.05 -34.21
C ASN A 50 -8.23 18.87 -35.23
N LYS A 51 -8.41 17.65 -35.70
CA LYS A 51 -9.35 17.39 -36.78
C LYS A 51 -10.74 17.04 -36.29
N GLN A 52 -10.92 16.78 -35.00
CA GLN A 52 -12.21 16.43 -34.41
C GLN A 52 -12.79 15.21 -35.11
N GLN A 53 -11.97 14.17 -35.21
CA GLN A 53 -12.29 12.94 -35.90
C GLN A 53 -11.86 11.79 -35.02
N GLY A 54 -12.71 10.76 -34.98
CA GLY A 54 -12.45 9.59 -34.19
C GLY A 54 -12.28 8.35 -35.06
N PHE A 55 -11.57 7.37 -34.53
CA PHE A 55 -11.22 6.15 -35.25
C PHE A 55 -11.31 4.97 -34.30
N THR A 56 -11.87 3.86 -34.75
CA THR A 56 -11.88 2.67 -33.90
C THR A 56 -11.93 1.41 -34.76
N ASN A 57 -11.51 0.29 -34.19
CA ASN A 57 -11.65 -0.98 -34.87
C ASN A 57 -13.00 -1.65 -34.66
N ASN A 58 -13.82 -1.16 -33.73
CA ASN A 58 -15.07 -1.86 -33.40
C ASN A 58 -16.04 -0.82 -32.86
N LEU A 59 -16.91 -0.30 -33.73
CA LEU A 59 -17.85 0.74 -33.30
C LEU A 59 -18.77 0.26 -32.18
N LYS A 60 -19.22 -1.00 -32.25
CA LYS A 60 -20.12 -1.49 -31.19
C LYS A 60 -19.40 -1.53 -29.85
N ARG A 61 -18.24 -2.19 -29.80
CA ARG A 61 -17.54 -2.32 -28.51
C ARG A 61 -17.03 -0.97 -28.01
N ALA A 62 -16.69 -0.04 -28.93
CA ALA A 62 -16.32 1.31 -28.52
C ALA A 62 -17.41 1.95 -27.68
N ASN A 63 -18.66 1.54 -27.85
CA ASN A 63 -19.77 2.12 -27.13
C ASN A 63 -20.39 1.17 -26.10
N GLN A 64 -19.76 0.04 -25.82
CA GLN A 64 -20.19 -0.83 -24.73
C GLN A 64 -19.52 -0.41 -23.42
N ALA A 65 -20.29 -0.48 -22.35
CA ALA A 65 -19.88 0.09 -21.06
C ALA A 65 -19.42 -1.01 -20.11
N PHE A 66 -18.30 -0.75 -19.46
CA PHE A 66 -17.68 -1.71 -18.56
C PHE A 66 -17.40 -1.03 -17.23
N LEU A 67 -17.16 -1.86 -16.20
CA LEU A 67 -16.64 -1.28 -14.97
C LEU A 67 -15.36 -0.52 -15.27
N PRO A 68 -15.19 0.68 -14.69
CA PRO A 68 -13.97 1.46 -14.92
C PRO A 68 -12.75 0.90 -14.23
N ALA A 69 -12.96 0.17 -13.15
CA ALA A 69 -11.88 -0.31 -12.29
C ALA A 69 -10.92 0.84 -12.04
N SER A 70 -9.61 0.62 -12.10
CA SER A 70 -8.68 1.65 -11.64
C SER A 70 -8.63 2.86 -12.56
N THR A 71 -9.27 2.86 -13.74
CA THR A 71 -9.35 4.11 -14.49
C THR A 71 -10.17 5.12 -13.71
N PHE A 72 -10.94 4.66 -12.73
CA PHE A 72 -11.73 5.54 -11.87
C PHE A 72 -10.85 6.38 -10.99
N KCX A 73 -9.58 6.03 -10.91
CA KCX A 73 -8.69 6.85 -10.06
CB KCX A 73 -7.33 6.16 -9.89
CG KCX A 73 -7.47 4.92 -8.99
CD KCX A 73 -6.07 4.27 -8.70
CE KCX A 73 -6.23 3.12 -7.62
NZ KCX A 73 -7.01 1.98 -8.21
C KCX A 73 -8.54 8.27 -10.63
O KCX A 73 -8.19 9.17 -9.90
CX KCX A 73 -8.30 1.75 -7.91
OQ1 KCX A 73 -8.89 2.48 -7.07
OQ2 KCX A 73 -8.91 0.79 -8.47
N ILE A 74 -8.85 8.47 -11.92
CA ILE A 74 -8.81 9.83 -12.47
C ILE A 74 -9.90 10.69 -11.81
N PRO A 75 -11.19 10.36 -11.99
CA PRO A 75 -12.21 11.18 -11.31
C PRO A 75 -12.08 11.18 -9.81
N ASN A 76 -11.72 10.05 -9.20
CA ASN A 76 -11.63 10.00 -7.75
C ASN A 76 -10.56 10.99 -7.27
N SER A 77 -9.43 11.03 -7.95
CA SER A 77 -8.38 11.99 -7.61
C SER A 77 -8.91 13.41 -7.68
N LEU A 78 -9.60 13.72 -8.78
CA LEU A 78 -10.10 15.08 -8.99
C LEU A 78 -11.00 15.51 -7.85
N ILE A 79 -11.93 14.63 -7.48
CA ILE A 79 -12.91 14.95 -6.46
C ILE A 79 -12.24 15.10 -5.11
N ALA A 80 -11.34 14.17 -4.79
CA ALA A 80 -10.62 14.23 -3.51
C ALA A 80 -9.85 15.53 -3.38
N LEU A 81 -9.17 15.95 -4.46
CA LEU A 81 -8.44 17.22 -4.42
C LEU A 81 -9.37 18.40 -4.30
N ASP A 82 -10.45 18.42 -5.08
CA ASP A 82 -11.27 19.62 -5.08
C ASP A 82 -12.01 19.81 -3.77
N LEU A 83 -12.28 18.72 -3.05
CA LEU A 83 -12.95 18.80 -1.74
C LEU A 83 -11.97 18.95 -0.60
N GLY A 84 -10.68 18.89 -0.88
CA GLY A 84 -9.70 19.02 0.16
C GLY A 84 -9.45 17.74 0.94
N VAL A 85 -10.01 16.61 0.49
CA VAL A 85 -9.68 15.32 1.08
C VAL A 85 -8.20 15.03 0.88
N VAL A 86 -7.66 15.42 -0.27
CA VAL A 86 -6.24 15.40 -0.57
C VAL A 86 -5.78 16.84 -0.70
N LYS A 87 -4.76 17.21 0.09
CA LYS A 87 -4.29 18.60 0.09
C LYS A 87 -3.48 18.92 -1.17
N ASP A 88 -2.57 18.03 -1.56
CA ASP A 88 -1.74 18.23 -2.73
C ASP A 88 -1.08 16.90 -3.05
N GLU A 89 -0.25 16.91 -4.09
CA GLU A 89 0.35 15.68 -4.58
C GLU A 89 1.49 15.18 -3.69
N HIS A 90 1.86 15.90 -2.63
CA HIS A 90 2.89 15.46 -1.73
C HIS A 90 2.36 14.83 -0.46
N GLN A 91 1.10 15.09 -0.13
CA GLN A 91 0.53 14.54 1.11
C GLN A 91 0.72 13.03 1.15
N VAL A 92 1.20 12.53 2.29
CA VAL A 92 1.51 11.12 2.44
C VAL A 92 0.33 10.40 3.05
N PHE A 93 -0.10 9.32 2.40
CA PHE A 93 -1.11 8.41 2.90
C PHE A 93 -0.37 7.20 3.43
N LYS A 94 -0.30 7.09 4.74
CA LYS A 94 0.54 6.08 5.37
C LYS A 94 -0.11 4.72 5.16
N TRP A 95 0.73 3.71 4.90
CA TRP A 95 0.23 2.35 4.85
C TRP A 95 -0.44 2.00 6.17
N ASP A 96 -1.60 1.34 6.09
CA ASP A 96 -2.32 0.92 7.29
C ASP A 96 -1.73 -0.32 7.95
N GLY A 97 -0.60 -0.82 7.44
CA GLY A 97 0.07 -1.93 8.08
C GLY A 97 -0.56 -3.28 7.83
N GLN A 98 -1.53 -3.38 6.94
CA GLN A 98 -2.13 -4.64 6.57
C GLN A 98 -1.45 -5.17 5.33
N THR A 99 -0.80 -6.32 5.47
CA THR A 99 -0.09 -6.89 4.35
C THR A 99 -1.08 -7.29 3.26
N ARG A 100 -0.89 -6.73 2.08
CA ARG A 100 -1.67 -7.09 0.91
C ARG A 100 -0.77 -7.78 -0.10
N ASP A 101 -1.36 -8.41 -1.14
CA ASP A 101 -0.54 -9.28 -1.98
C ASP A 101 0.20 -8.54 -3.09
N ILE A 102 0.05 -7.23 -3.20
CA ILE A 102 0.83 -6.42 -4.13
C ILE A 102 1.84 -5.66 -3.30
N ALA A 103 3.12 -6.02 -3.46
CA ALA A 103 4.15 -5.51 -2.57
C ALA A 103 4.21 -3.99 -2.55
N THR A 104 4.04 -3.34 -3.71
N THR A 104 4.01 -3.35 -3.72
CA THR A 104 4.14 -1.89 -3.77
CA THR A 104 4.12 -1.89 -3.77
C THR A 104 3.00 -1.20 -3.03
C THR A 104 2.98 -1.19 -3.04
N TRP A 105 1.93 -1.92 -2.68
CA TRP A 105 0.87 -1.35 -1.87
C TRP A 105 1.23 -1.30 -0.38
N ASN A 106 2.22 -2.09 0.05
CA ASN A 106 2.59 -2.20 1.47
C ASN A 106 3.64 -1.16 1.81
N ARG A 107 3.31 0.09 1.52
N ARG A 107 3.30 0.10 1.54
CA ARG A 107 4.21 1.21 1.74
CA ARG A 107 4.22 1.21 1.78
C ARG A 107 3.41 2.50 1.76
C ARG A 107 3.42 2.50 1.74
N ASP A 108 4.04 3.57 2.22
CA ASP A 108 3.44 4.89 2.16
C ASP A 108 3.37 5.37 0.71
N HIS A 109 2.35 6.18 0.42
CA HIS A 109 2.13 6.71 -0.92
C HIS A 109 1.72 8.16 -0.87
N ASN A 110 1.94 8.87 -1.99
CA ASN A 110 1.32 10.16 -2.22
C ASN A 110 0.44 9.96 -3.46
N LEU A 111 -0.16 11.05 -3.93
CA LEU A 111 -1.06 10.92 -5.07
C LEU A 111 -0.34 10.40 -6.29
N ILE A 112 0.90 10.84 -6.50
CA ILE A 112 1.66 10.44 -7.68
C ILE A 112 1.91 8.94 -7.65
N THR A 113 2.48 8.44 -6.56
CA THR A 113 2.81 7.02 -6.51
C THR A 113 1.55 6.15 -6.39
N ALA A 114 0.51 6.64 -5.72
CA ALA A 114 -0.74 5.88 -5.62
C ALA A 114 -1.34 5.66 -7.00
N MET A 115 -1.28 6.69 -7.86
N MET A 115 -1.25 6.66 -7.88
CA MET A 115 -1.71 6.50 -9.24
CA MET A 115 -1.75 6.43 -9.23
C MET A 115 -0.81 5.51 -9.96
C MET A 115 -0.80 5.55 -10.03
N LYS A 116 0.50 5.73 -9.86
CA LYS A 116 1.47 4.89 -10.58
C LYS A 116 1.27 3.41 -10.28
N TYR A 117 1.10 3.05 -9.01
CA TYR A 117 0.98 1.66 -8.59
C TYR A 117 -0.47 1.22 -8.42
N SER A 118 -1.44 2.03 -8.86
N SER A 118 -1.42 2.06 -8.84
CA SER A 118 -2.88 1.70 -8.78
CA SER A 118 -2.85 1.76 -8.79
C SER A 118 -3.26 1.20 -7.38
C SER A 118 -3.23 1.20 -7.41
N VAL A 119 -2.92 2.00 -6.37
CA VAL A 119 -3.06 1.57 -4.98
C VAL A 119 -4.49 1.68 -4.50
N VAL A 120 -5.27 0.63 -4.75
CA VAL A 120 -6.69 0.62 -4.39
C VAL A 120 -6.95 1.08 -2.97
N PRO A 121 -6.28 0.55 -1.93
CA PRO A 121 -6.73 0.90 -0.57
C PRO A 121 -6.60 2.38 -0.26
N VAL A 122 -5.63 3.08 -0.86
CA VAL A 122 -5.55 4.52 -0.67
C VAL A 122 -6.81 5.20 -1.21
N TYR A 123 -7.22 4.80 -2.42
CA TYR A 123 -8.38 5.39 -3.08
C TYR A 123 -9.69 4.98 -2.43
N GLN A 124 -9.75 3.81 -1.82
CA GLN A 124 -10.94 3.45 -1.05
C GLN A 124 -11.14 4.40 0.11
N GLU A 125 -10.07 4.75 0.82
CA GLU A 125 -10.21 5.72 1.89
C GLU A 125 -10.63 7.08 1.33
N PHE A 126 -10.08 7.50 0.17
CA PHE A 126 -10.55 8.75 -0.43
C PHE A 126 -12.05 8.72 -0.59
N ALA A 127 -12.57 7.61 -1.14
CA ALA A 127 -13.98 7.50 -1.43
C ALA A 127 -14.82 7.59 -0.16
N ARG A 128 -14.35 6.95 0.93
CA ARG A 128 -15.09 7.02 2.19
C ARG A 128 -15.18 8.44 2.69
N GLN A 129 -14.08 9.20 2.55
CA GLN A 129 -14.07 10.57 3.04
C GLN A 129 -14.90 11.49 2.16
N ILE A 130 -14.90 11.23 0.85
CA ILE A 130 -15.77 11.97 -0.08
C ILE A 130 -17.23 11.72 0.29
N GLY A 131 -17.59 10.46 0.45
CA GLY A 131 -18.94 10.08 0.81
C GLY A 131 -19.85 9.96 -0.40
N GLU A 132 -20.92 9.18 -0.22
CA GLU A 132 -21.81 8.84 -1.34
C GLU A 132 -22.43 10.08 -1.99
N ALA A 133 -22.96 10.99 -1.19
CA ALA A 133 -23.70 12.13 -1.73
C ALA A 133 -22.80 13.00 -2.61
N ARG A 134 -21.62 13.34 -2.11
CA ARG A 134 -20.73 14.19 -2.90
C ARG A 134 -20.17 13.45 -4.11
N MET A 135 -19.86 12.17 -3.95
CA MET A 135 -19.36 11.39 -5.07
C MET A 135 -20.38 11.36 -6.20
N SER A 136 -21.63 11.08 -5.86
CA SER A 136 -22.69 11.04 -6.85
C SER A 136 -22.85 12.39 -7.54
N LYS A 137 -22.94 13.47 -6.76
CA LYS A 137 -23.12 14.78 -7.37
C LYS A 137 -21.98 15.13 -8.30
N MET A 138 -20.74 14.78 -7.94
CA MET A 138 -19.59 15.13 -8.76
C MET A 138 -19.54 14.32 -10.04
N LEU A 139 -19.90 13.03 -9.99
CA LEU A 139 -19.90 12.23 -11.22
C LEU A 139 -20.96 12.72 -12.18
N HIS A 140 -22.10 13.21 -11.66
CA HIS A 140 -23.07 13.84 -12.54
C HIS A 140 -22.52 15.13 -13.14
N ALA A 141 -21.85 15.94 -12.33
CA ALA A 141 -21.27 17.18 -12.86
C ALA A 141 -20.23 16.88 -13.93
N PHE A 142 -19.53 15.77 -13.82
CA PHE A 142 -18.53 15.33 -14.77
C PHE A 142 -19.13 14.65 -15.99
N ASP A 143 -20.43 14.39 -15.99
CA ASP A 143 -21.06 13.59 -17.05
C ASP A 143 -20.35 12.25 -17.22
N TYR A 144 -19.95 11.62 -16.11
CA TYR A 144 -19.03 10.48 -16.14
C TYR A 144 -19.79 9.17 -16.25
N GLY A 145 -19.67 8.52 -17.41
CA GLY A 145 -20.27 7.22 -17.64
C GLY A 145 -21.75 7.20 -17.31
N ASN A 146 -22.20 6.11 -16.68
CA ASN A 146 -23.61 6.04 -16.31
C ASN A 146 -23.89 6.74 -14.98
N GLU A 147 -22.86 7.35 -14.37
CA GLU A 147 -22.99 8.20 -13.19
C GLU A 147 -23.60 7.48 -11.98
N ASP A 148 -23.55 6.15 -11.97
CA ASP A 148 -24.29 5.32 -11.02
C ASP A 148 -23.30 4.75 -10.00
N ILE A 149 -23.41 5.18 -8.75
CA ILE A 149 -22.49 4.70 -7.72
C ILE A 149 -23.08 3.60 -6.87
N SER A 150 -24.18 2.98 -7.32
CA SER A 150 -24.79 1.93 -6.52
C SER A 150 -23.76 0.87 -6.16
N GLY A 151 -23.89 0.34 -4.95
CA GLY A 151 -22.88 -0.53 -4.40
C GLY A 151 -22.26 0.12 -3.19
N ASN A 152 -21.07 -0.35 -2.83
CA ASN A 152 -20.42 0.16 -1.65
C ASN A 152 -19.56 1.36 -2.03
N VAL A 153 -19.61 2.40 -1.20
CA VAL A 153 -18.91 3.62 -1.58
C VAL A 153 -17.40 3.39 -1.70
N ASP A 154 -16.86 2.39 -0.98
CA ASP A 154 -15.44 2.12 -1.08
C ASP A 154 -15.09 1.06 -2.12
N SER A 155 -16.05 0.61 -2.94
CA SER A 155 -15.68 -0.37 -3.96
C SER A 155 -16.52 -0.29 -5.23
N PHE A 156 -17.38 0.71 -5.42
CA PHE A 156 -18.37 0.62 -6.51
C PHE A 156 -17.70 0.60 -7.89
N TRP A 157 -16.50 1.17 -8.04
CA TRP A 157 -15.82 1.16 -9.34
C TRP A 157 -15.19 -0.19 -9.65
N LEU A 158 -15.16 -1.09 -8.67
CA LEU A 158 -14.67 -2.45 -8.83
C LEU A 158 -15.79 -3.47 -8.94
N ASP A 159 -16.91 -3.27 -8.23
CA ASP A 159 -17.95 -4.28 -8.27
C ASP A 159 -19.35 -3.71 -8.03
N GLY A 160 -19.55 -2.41 -8.20
CA GLY A 160 -20.86 -1.80 -8.11
C GLY A 160 -21.47 -1.57 -9.48
N GLY A 161 -22.35 -0.57 -9.56
CA GLY A 161 -23.15 -0.33 -10.75
C GLY A 161 -22.57 0.63 -11.76
N ILE A 162 -21.44 1.26 -11.47
CA ILE A 162 -20.90 2.26 -12.38
C ILE A 162 -20.33 1.59 -13.63
N ARG A 163 -20.60 2.19 -14.78
CA ARG A 163 -20.12 1.67 -16.06
C ARG A 163 -19.70 2.85 -16.92
N ILE A 164 -18.72 2.60 -17.80
CA ILE A 164 -18.28 3.63 -18.76
C ILE A 164 -17.75 2.93 -20.00
N SER A 165 -18.03 3.53 -21.18
CA SER A 165 -17.54 3.00 -22.45
C SER A 165 -16.24 3.70 -22.84
N ALA A 166 -15.56 3.15 -23.86
CA ALA A 166 -14.34 3.78 -24.34
C ALA A 166 -14.61 5.18 -24.90
N THR A 167 -15.70 5.36 -25.64
CA THR A 167 -15.99 6.69 -26.18
C THR A 167 -16.33 7.66 -25.05
N GLU A 168 -17.00 7.17 -24.01
CA GLU A 168 -17.29 8.02 -22.86
C GLU A 168 -16.02 8.39 -22.08
N GLN A 169 -15.04 7.49 -22.04
CA GLN A 169 -13.74 7.83 -21.44
C GLN A 169 -13.09 8.97 -22.21
N ILE A 170 -13.11 8.91 -23.55
CA ILE A 170 -12.54 9.98 -24.37
C ILE A 170 -13.23 11.31 -24.08
N SER A 171 -14.56 11.32 -24.00
N SER A 171 -14.57 11.31 -24.03
CA SER A 171 -15.27 12.57 -23.75
CA SER A 171 -15.32 12.53 -23.74
C SER A 171 -14.88 13.17 -22.41
C SER A 171 -14.89 13.16 -22.42
N PHE A 172 -14.74 12.33 -21.39
CA PHE A 172 -14.32 12.82 -20.08
C PHE A 172 -12.89 13.35 -20.13
N LEU A 173 -12.00 12.60 -20.75
CA LEU A 173 -10.59 12.97 -20.83
C LEU A 173 -10.40 14.28 -21.58
N ARG A 174 -11.18 14.51 -22.64
CA ARG A 174 -11.07 15.76 -23.37
C ARG A 174 -11.43 16.96 -22.48
N LYS A 175 -12.45 16.81 -21.65
CA LYS A 175 -12.77 17.89 -20.71
C LYS A 175 -11.61 18.13 -19.76
N LEU A 176 -11.04 17.05 -19.24
CA LEU A 176 -9.89 17.19 -18.33
C LEU A 176 -8.74 17.91 -19.02
N TYR A 177 -8.38 17.46 -20.22
CA TYR A 177 -7.30 18.09 -20.97
C TYR A 177 -7.49 19.60 -21.06
N HIS A 178 -8.73 20.03 -21.32
CA HIS A 178 -9.05 21.44 -21.56
C HIS A 178 -9.41 22.21 -20.29
N ASN A 179 -9.24 21.59 -19.12
CA ASN A 179 -9.60 22.17 -17.82
C ASN A 179 -11.07 22.57 -17.75
N LYS A 180 -11.93 21.80 -18.43
CA LYS A 180 -13.33 22.14 -18.53
C LYS A 180 -14.20 21.36 -17.57
N LEU A 181 -13.63 20.47 -16.77
CA LEU A 181 -14.45 19.82 -15.76
C LEU A 181 -14.80 20.80 -14.64
N HIS A 182 -15.86 20.46 -13.93
CA HIS A 182 -16.42 21.35 -12.89
C HIS A 182 -15.73 21.11 -11.55
N VAL A 183 -14.41 21.26 -11.60
CA VAL A 183 -13.53 21.37 -10.44
C VAL A 183 -12.50 22.45 -10.79
N SER A 184 -11.67 22.79 -9.81
CA SER A 184 -10.77 23.91 -10.07
C SER A 184 -9.75 23.55 -11.14
N GLU A 185 -9.16 24.58 -11.75
CA GLU A 185 -8.04 24.36 -12.66
C GLU A 185 -6.89 23.65 -11.95
N ARG A 186 -6.63 24.04 -10.70
CA ARG A 186 -5.55 23.42 -9.94
C ARG A 186 -5.78 21.92 -9.80
N SER A 187 -7.00 21.51 -9.42
CA SER A 187 -7.27 20.09 -9.31
C SER A 187 -6.97 19.35 -10.60
N GLN A 188 -7.37 19.92 -11.74
CA GLN A 188 -7.17 19.28 -13.02
C GLN A 188 -5.69 19.21 -13.37
N ARG A 189 -4.92 20.27 -13.10
CA ARG A 189 -3.49 20.24 -13.39
C ARG A 189 -2.79 19.19 -12.55
N ILE A 190 -3.16 19.07 -11.26
CA ILE A 190 -2.52 18.08 -10.40
C ILE A 190 -2.81 16.67 -10.89
N VAL A 191 -4.05 16.39 -11.28
CA VAL A 191 -4.35 15.04 -11.73
C VAL A 191 -3.63 14.76 -13.05
N LYS A 192 -3.55 15.74 -13.95
CA LYS A 192 -2.82 15.49 -15.20
C LYS A 192 -1.35 15.23 -14.95
N GLN A 193 -0.77 15.91 -13.96
CA GLN A 193 0.59 15.60 -13.54
C GLN A 193 0.68 14.16 -13.06
N ALA A 194 -0.24 13.77 -12.19
CA ALA A 194 -0.26 12.40 -11.66
C ALA A 194 -0.50 11.34 -12.73
N MET A 195 -1.13 11.71 -13.85
CA MET A 195 -1.30 10.77 -14.95
C MET A 195 -0.04 10.59 -15.79
N LEU A 196 1.00 11.35 -15.56
CA LEU A 196 2.16 11.25 -16.43
C LEU A 196 2.71 9.83 -16.45
N THR A 197 2.83 9.27 -17.63
CA THR A 197 3.25 7.88 -17.79
C THR A 197 4.54 7.74 -18.56
N GLU A 198 4.72 8.51 -19.63
CA GLU A 198 5.90 8.39 -20.46
C GLU A 198 6.17 9.74 -21.11
N ALA A 199 7.43 10.08 -21.23
CA ALA A 199 7.81 11.28 -21.96
C ALA A 199 9.19 11.09 -22.58
N ASN A 200 9.30 11.55 -23.83
CA ASN A 200 10.57 11.58 -24.52
C ASN A 200 10.54 12.72 -25.51
N GLY A 201 11.53 12.77 -26.38
CA GLY A 201 11.61 13.86 -27.34
C GLY A 201 10.52 13.83 -28.40
N ASP A 202 9.79 12.75 -28.50
CA ASP A 202 8.80 12.55 -29.55
C ASP A 202 7.37 12.71 -29.07
N TYR A 203 7.07 12.36 -27.82
CA TYR A 203 5.70 12.44 -27.35
C TYR A 203 5.67 12.41 -25.82
N ILE A 204 4.52 12.78 -25.27
CA ILE A 204 4.20 12.63 -23.86
C ILE A 204 2.92 11.83 -23.77
N ILE A 205 2.90 10.83 -22.91
CA ILE A 205 1.66 10.09 -22.64
C ILE A 205 1.23 10.33 -21.20
N ARG A 206 -0.02 10.76 -21.05
CA ARG A 206 -0.70 10.87 -19.77
C ARG A 206 -1.86 9.89 -19.80
N ALA A 207 -1.93 8.98 -18.83
CA ALA A 207 -2.87 7.87 -19.00
C ALA A 207 -3.05 7.16 -17.67
N LYS A 208 -4.03 6.26 -17.62
CA LYS A 208 -4.26 5.42 -16.46
C LYS A 208 -4.69 4.04 -16.91
N THR A 209 -4.07 3.02 -16.33
CA THR A 209 -4.47 1.64 -16.56
C THR A 209 -5.64 1.25 -15.67
N GLY A 210 -6.33 0.19 -16.09
CA GLY A 210 -7.30 -0.45 -15.23
C GLY A 210 -7.41 -1.93 -15.53
N TYR A 211 -7.88 -2.68 -14.53
CA TYR A 211 -8.02 -4.13 -14.62
C TYR A 211 -9.27 -4.51 -13.83
N SER A 212 -10.31 -4.93 -14.54
CA SER A 212 -11.61 -5.26 -13.93
C SER A 212 -11.75 -6.78 -13.92
N THR A 213 -11.84 -7.37 -12.72
CA THR A 213 -11.96 -8.81 -12.58
C THR A 213 -13.21 -9.25 -11.81
N ARG A 214 -13.90 -8.36 -11.11
CA ARG A 214 -14.93 -8.81 -10.18
C ARG A 214 -16.27 -9.10 -10.83
N ILE A 215 -16.46 -8.60 -12.03
CA ILE A 215 -17.68 -8.84 -12.80
C ILE A 215 -17.25 -9.19 -14.22
N GLU A 216 -17.94 -10.15 -14.81
CA GLU A 216 -17.60 -10.56 -16.17
C GLU A 216 -18.12 -9.56 -17.19
N PRO A 217 -17.43 -9.45 -18.34
CA PRO A 217 -16.16 -10.11 -18.68
C PRO A 217 -14.97 -9.42 -18.03
N LYS A 218 -13.97 -10.16 -17.61
CA LYS A 218 -12.78 -9.51 -17.09
C LYS A 218 -12.09 -8.78 -18.23
N ILE A 219 -11.70 -7.53 -17.99
CA ILE A 219 -11.09 -6.71 -19.03
C ILE A 219 -9.96 -5.88 -18.46
N GLY A 220 -9.08 -5.46 -19.36
CA GLY A 220 -8.06 -4.48 -19.07
C GLY A 220 -8.38 -3.21 -19.83
N TRP A 221 -8.05 -2.08 -19.21
CA TRP A 221 -8.20 -0.74 -19.76
C TRP A 221 -6.86 -0.04 -19.90
N TRP A 222 -6.76 0.82 -20.90
CA TRP A 222 -5.78 1.91 -20.87
C TRP A 222 -6.44 3.11 -21.52
N VAL A 223 -6.51 4.23 -20.79
CA VAL A 223 -7.12 5.46 -21.29
C VAL A 223 -6.19 6.64 -21.03
N GLY A 224 -6.19 7.60 -21.94
CA GLY A 224 -5.34 8.78 -21.77
C GLY A 224 -5.20 9.55 -23.07
N TRP A 225 -4.03 10.14 -23.23
CA TRP A 225 -3.75 10.83 -24.48
C TRP A 225 -2.25 10.91 -24.73
N VAL A 226 -1.93 11.18 -25.99
CA VAL A 226 -0.58 11.39 -26.50
C VAL A 226 -0.48 12.85 -26.91
N GLU A 227 0.43 13.58 -26.28
CA GLU A 227 0.76 14.96 -26.63
C GLU A 227 1.90 14.96 -27.63
N LEU A 228 1.66 15.61 -28.76
CA LEU A 228 2.66 15.91 -29.79
C LEU A 228 2.92 17.41 -29.78
N ASP A 229 3.91 17.84 -30.57
CA ASP A 229 4.23 19.27 -30.63
C ASP A 229 3.01 20.09 -31.05
N ASP A 230 2.20 19.57 -31.99
CA ASP A 230 1.14 20.40 -32.55
C ASP A 230 -0.21 19.69 -32.66
N ASN A 231 -0.43 18.66 -31.86
CA ASN A 231 -1.72 17.95 -31.79
C ASN A 231 -1.74 17.11 -30.53
N VAL A 232 -2.94 16.64 -30.18
N VAL A 232 -2.94 16.67 -30.17
CA VAL A 232 -3.11 15.70 -29.10
CA VAL A 232 -3.16 15.71 -29.12
C VAL A 232 -4.06 14.61 -29.57
C VAL A 232 -4.02 14.59 -29.67
N TRP A 233 -3.66 13.36 -29.37
CA TRP A 233 -4.44 12.20 -29.73
C TRP A 233 -4.95 11.55 -28.46
N PHE A 234 -6.27 11.58 -28.24
CA PHE A 234 -6.84 10.89 -27.10
C PHE A 234 -7.04 9.43 -27.44
N PHE A 235 -6.93 8.56 -26.43
CA PHE A 235 -7.15 7.16 -26.66
C PHE A 235 -7.86 6.51 -25.49
N ALA A 236 -8.64 5.47 -25.81
CA ALA A 236 -9.21 4.62 -24.79
C ALA A 236 -9.30 3.23 -25.38
N MET A 237 -8.75 2.25 -24.67
CA MET A 237 -8.81 0.89 -25.14
C MET A 237 -9.29 0.00 -23.99
N ASN A 238 -10.00 -1.06 -24.34
CA ASN A 238 -10.14 -2.17 -23.40
C ASN A 238 -10.05 -3.48 -24.17
N MET A 239 -9.75 -4.52 -23.44
CA MET A 239 -9.54 -5.81 -24.07
C MET A 239 -9.86 -6.91 -23.07
N ASP A 240 -10.26 -8.06 -23.59
CA ASP A 240 -10.54 -9.19 -22.73
C ASP A 240 -9.26 -9.59 -22.01
N MET A 241 -9.40 -9.97 -20.74
CA MET A 241 -8.24 -10.19 -19.87
C MET A 241 -8.53 -11.33 -18.91
N PRO A 242 -8.53 -12.57 -19.40
CA PRO A 242 -8.92 -13.69 -18.55
C PRO A 242 -7.95 -13.94 -17.42
N THR A 243 -6.69 -13.58 -17.58
CA THR A 243 -5.68 -13.67 -16.53
C THR A 243 -4.79 -12.45 -16.55
N SER A 244 -4.10 -12.25 -15.43
CA SER A 244 -3.23 -11.11 -15.30
C SER A 244 -1.98 -11.21 -16.18
N ASP A 245 -1.69 -12.39 -16.73
CA ASP A 245 -0.51 -12.57 -17.58
C ASP A 245 -0.53 -11.70 -18.83
N GLY A 246 -1.69 -11.25 -19.28
CA GLY A 246 -1.80 -10.44 -20.47
C GLY A 246 -1.80 -8.94 -20.27
N LEU A 247 -1.58 -8.47 -19.04
CA LEU A 247 -1.83 -7.05 -18.78
C LEU A 247 -0.94 -6.13 -19.61
N GLY A 248 0.31 -6.55 -19.88
CA GLY A 248 1.20 -5.73 -20.68
C GLY A 248 0.70 -5.49 -22.10
N LEU A 249 -0.25 -6.32 -22.56
CA LEU A 249 -0.81 -6.11 -23.89
C LEU A 249 -1.65 -4.85 -23.97
N ARG A 250 -2.11 -4.32 -22.85
CA ARG A 250 -2.88 -3.09 -22.92
C ARG A 250 -2.07 -2.00 -23.60
N GLN A 251 -0.86 -1.77 -23.11
CA GLN A 251 -0.02 -0.73 -23.68
C GLN A 251 0.59 -1.18 -25.01
N ALA A 252 0.94 -2.46 -25.12
CA ALA A 252 1.64 -2.92 -26.31
C ALA A 252 0.74 -2.79 -27.53
N ILE A 253 -0.51 -3.24 -27.41
CA ILE A 253 -1.44 -3.16 -28.53
C ILE A 253 -1.75 -1.71 -28.87
N THR A 254 -2.01 -0.89 -27.85
CA THR A 254 -2.27 0.51 -28.11
C THR A 254 -1.12 1.13 -28.88
N LYS A 255 0.12 0.86 -28.46
CA LYS A 255 1.25 1.46 -29.15
C LYS A 255 1.39 0.95 -30.58
N GLU A 256 1.05 -0.32 -30.83
CA GLU A 256 1.08 -0.79 -32.21
C GLU A 256 0.08 -0.06 -33.07
N VAL A 257 -1.11 0.24 -32.52
CA VAL A 257 -2.05 1.04 -33.31
C VAL A 257 -1.50 2.43 -33.54
N LEU A 258 -0.94 3.04 -32.49
CA LEU A 258 -0.39 4.39 -32.63
C LEU A 258 0.73 4.42 -33.65
N LYS A 259 1.58 3.39 -33.66
CA LYS A 259 2.65 3.31 -34.67
C LYS A 259 2.06 3.15 -36.07
N GLN A 260 1.05 2.29 -36.23
CA GLN A 260 0.46 2.08 -37.54
C GLN A 260 -0.08 3.37 -38.11
N GLU A 261 -0.68 4.20 -37.27
CA GLU A 261 -1.26 5.47 -37.69
C GLU A 261 -0.26 6.61 -37.68
N LYS A 262 1.03 6.30 -37.55
CA LYS A 262 2.09 7.30 -37.62
C LYS A 262 1.94 8.41 -36.60
N ILE A 263 1.34 8.09 -35.45
CA ILE A 263 1.22 9.03 -34.35
C ILE A 263 2.50 9.06 -33.52
N ILE A 264 3.10 7.90 -33.30
CA ILE A 264 4.39 7.80 -32.64
C ILE A 264 5.32 7.01 -33.55
N PRO A 265 6.63 7.19 -33.44
CA PRO A 265 7.56 6.42 -34.29
C PRO A 265 7.58 4.96 -33.94
N LYS B 23 -8.47 -27.81 32.71
CA LYS B 23 -8.78 -26.86 31.63
C LYS B 23 -7.55 -26.01 31.33
N GLU B 24 -7.24 -25.86 30.04
CA GLU B 24 -6.01 -25.17 29.65
C GLU B 24 -6.09 -23.67 29.97
N TRP B 25 -7.27 -23.08 29.78
CA TRP B 25 -7.46 -21.64 29.91
C TRP B 25 -8.75 -21.36 30.66
N GLN B 26 -8.68 -20.53 31.70
CA GLN B 26 -9.83 -20.13 32.49
C GLN B 26 -9.98 -18.62 32.47
N GLU B 27 -11.22 -18.17 32.36
CA GLU B 27 -11.53 -16.75 32.34
C GLU B 27 -11.97 -16.30 33.73
N ASN B 28 -11.35 -15.22 34.22
CA ASN B 28 -11.69 -14.63 35.51
C ASN B 28 -12.07 -13.16 35.25
N LYS B 29 -13.36 -12.92 35.07
CA LYS B 29 -13.83 -11.57 34.78
C LYS B 29 -13.73 -10.64 35.99
N SER B 30 -13.45 -11.16 37.18
CA SER B 30 -13.32 -10.26 38.33
C SER B 30 -12.16 -9.30 38.14
N TRP B 31 -11.16 -9.69 37.33
CA TRP B 31 -10.04 -8.81 37.06
C TRP B 31 -10.46 -7.58 36.24
N ASN B 32 -11.62 -7.62 35.57
CA ASN B 32 -12.06 -6.44 34.84
C ASN B 32 -12.19 -5.22 35.74
N ALA B 33 -12.47 -5.43 37.03
CA ALA B 33 -12.60 -4.30 37.95
C ALA B 33 -11.32 -3.48 38.01
N HIS B 34 -10.16 -4.10 37.79
CA HIS B 34 -8.92 -3.32 37.84
C HIS B 34 -8.80 -2.41 36.63
N PHE B 35 -9.30 -2.84 35.47
CA PHE B 35 -9.36 -1.97 34.31
C PHE B 35 -10.42 -0.89 34.48
N THR B 36 -11.63 -1.28 34.91
CA THR B 36 -12.71 -0.31 35.08
C THR B 36 -12.36 0.77 36.08
N GLU B 37 -11.69 0.39 37.17
CA GLU B 37 -11.28 1.35 38.19
C GLU B 37 -10.50 2.51 37.60
N HIS B 38 -9.78 2.26 36.49
CA HIS B 38 -8.94 3.27 35.85
C HIS B 38 -9.51 3.70 34.50
N LYS B 39 -10.81 3.53 34.28
CA LYS B 39 -11.45 3.94 33.03
C LYS B 39 -10.67 3.39 31.84
N SER B 40 -10.21 2.15 31.98
CA SER B 40 -9.33 1.50 31.02
C SER B 40 -9.99 0.23 30.49
N GLN B 41 -9.45 -0.26 29.37
CA GLN B 41 -9.88 -1.51 28.77
C GLN B 41 -8.66 -2.26 28.30
N GLY B 42 -8.66 -3.57 28.54
CA GLY B 42 -7.53 -4.38 28.14
C GLY B 42 -7.64 -5.79 28.66
N VAL B 43 -6.50 -6.51 28.58
CA VAL B 43 -6.42 -7.91 28.95
C VAL B 43 -5.15 -8.14 29.73
N VAL B 44 -5.24 -9.06 30.68
N VAL B 44 -5.26 -8.97 30.77
CA VAL B 44 -4.10 -9.56 31.44
CA VAL B 44 -4.12 -9.58 31.44
C VAL B 44 -4.14 -11.09 31.37
C VAL B 44 -4.20 -11.08 31.24
N VAL B 45 -3.08 -11.69 30.87
CA VAL B 45 -2.97 -13.13 30.68
C VAL B 45 -1.86 -13.63 31.62
N LEU B 46 -2.17 -14.65 32.43
CA LEU B 46 -1.20 -15.28 33.31
C LEU B 46 -1.07 -16.76 32.93
N TRP B 47 0.14 -17.29 33.07
CA TRP B 47 0.41 -18.72 32.89
C TRP B 47 1.19 -19.25 34.07
N ASN B 48 0.60 -20.20 34.77
CA ASN B 48 1.22 -20.90 35.90
C ASN B 48 2.09 -22.03 35.34
N GLU B 49 3.41 -21.87 35.41
CA GLU B 49 4.28 -22.83 34.74
C GLU B 49 4.19 -24.21 35.39
N ASN B 50 4.18 -24.27 36.73
CA ASN B 50 4.11 -25.57 37.39
C ASN B 50 2.86 -26.33 36.98
N LYS B 51 1.72 -25.64 36.98
CA LYS B 51 0.45 -26.31 36.76
C LYS B 51 0.07 -26.34 35.29
N GLN B 52 0.79 -25.63 34.43
CA GLN B 52 0.52 -25.65 33.00
C GLN B 52 -0.92 -25.24 32.75
N GLN B 53 -1.30 -24.13 33.38
CA GLN B 53 -2.65 -23.60 33.27
C GLN B 53 -2.59 -22.09 33.12
N GLY B 54 -3.52 -21.57 32.31
CA GLY B 54 -3.58 -20.15 32.00
C GLY B 54 -4.87 -19.52 32.48
N PHE B 55 -4.78 -18.22 32.76
CA PHE B 55 -5.88 -17.42 33.31
C PHE B 55 -5.90 -16.06 32.64
N THR B 56 -7.11 -15.55 32.39
CA THR B 56 -7.21 -14.23 31.76
C THR B 56 -8.59 -13.66 32.06
N ASN B 57 -8.69 -12.33 32.03
CA ASN B 57 -10.01 -11.72 32.16
C ASN B 57 -10.82 -11.71 30.86
N ASN B 58 -10.19 -11.98 29.71
CA ASN B 58 -10.87 -11.85 28.42
C ASN B 58 -10.18 -12.81 27.46
N LEU B 59 -10.78 -14.00 27.31
CA LEU B 59 -10.17 -15.01 26.45
C LEU B 59 -10.03 -14.54 25.02
N LYS B 60 -11.00 -13.79 24.51
CA LYS B 60 -10.89 -13.35 23.11
C LYS B 60 -9.78 -12.31 22.92
N ARG B 61 -9.72 -11.28 23.77
CA ARG B 61 -8.64 -10.32 23.63
C ARG B 61 -7.28 -10.94 23.94
N ALA B 62 -7.24 -11.94 24.82
CA ALA B 62 -5.98 -12.66 25.06
C ALA B 62 -5.42 -13.23 23.78
N ASN B 63 -6.27 -13.53 22.80
CA ASN B 63 -5.80 -14.09 21.54
C ASN B 63 -5.88 -13.10 20.38
N GLN B 64 -6.09 -11.83 20.67
CA GLN B 64 -6.11 -10.79 19.64
C GLN B 64 -4.69 -10.35 19.34
N ALA B 65 -4.30 -10.40 18.08
CA ALA B 65 -2.92 -10.12 17.70
C ALA B 65 -2.77 -8.65 17.32
N PHE B 66 -1.84 -7.98 17.99
CA PHE B 66 -1.52 -6.58 17.80
C PHE B 66 -0.07 -6.42 17.36
N LEU B 67 0.26 -5.22 16.86
CA LEU B 67 1.66 -4.87 16.71
C LEU B 67 2.39 -5.03 18.06
N PRO B 68 3.58 -5.60 18.06
CA PRO B 68 4.30 -5.77 19.34
C PRO B 68 4.95 -4.50 19.85
N ALA B 69 5.20 -3.53 18.97
CA ALA B 69 5.98 -2.34 19.28
C ALA B 69 7.23 -2.75 20.05
N SER B 70 7.58 -2.03 21.13
CA SER B 70 8.90 -2.26 21.74
C SER B 70 9.00 -3.58 22.48
N THR B 71 7.93 -4.36 22.62
CA THR B 71 8.14 -5.72 23.11
C THR B 71 8.97 -6.52 22.11
N PHE B 72 9.02 -6.08 20.86
CA PHE B 72 9.85 -6.72 19.82
C PHE B 72 11.33 -6.59 20.14
N KCX B 73 11.68 -5.72 21.08
CA KCX B 73 13.09 -5.64 21.48
CB KCX B 73 13.33 -4.46 22.42
CG KCX B 73 13.25 -3.10 21.69
CD KCX B 73 13.58 -1.90 22.57
CE KCX B 73 13.66 -0.63 21.66
NZ KCX B 73 12.31 -0.32 21.17
C KCX B 73 13.62 -6.96 22.05
O KCX B 73 14.82 -7.22 21.99
CX KCX B 73 11.88 -0.61 19.94
OQ1 KCX B 73 10.68 -0.38 19.66
OQ2 KCX B 73 12.66 -1.09 19.11
N ILE B 74 12.74 -7.81 22.58
CA ILE B 74 13.18 -9.14 23.05
C ILE B 74 13.69 -10.01 21.88
N PRO B 75 12.86 -10.34 20.87
CA PRO B 75 13.44 -11.11 19.76
C PRO B 75 14.53 -10.37 19.00
N ASN B 76 14.39 -9.06 18.81
CA ASN B 76 15.42 -8.30 18.09
C ASN B 76 16.77 -8.42 18.81
N SER B 77 16.76 -8.31 20.15
CA SER B 77 18.00 -8.47 20.92
C SER B 77 18.60 -9.86 20.71
N LEU B 78 17.76 -10.90 20.79
CA LEU B 78 18.26 -12.25 20.63
C LEU B 78 18.94 -12.43 19.28
N ILE B 79 18.28 -11.96 18.21
CA ILE B 79 18.82 -12.12 16.87
C ILE B 79 20.11 -11.34 16.74
N ALA B 80 20.13 -10.12 17.26
CA ALA B 80 21.32 -9.28 17.10
C ALA B 80 22.51 -9.88 17.83
N LEU B 81 22.29 -10.46 19.02
CA LEU B 81 23.36 -11.15 19.73
C LEU B 81 23.80 -12.39 18.99
N ASP B 82 22.85 -13.21 18.54
CA ASP B 82 23.26 -14.49 17.99
C ASP B 82 24.01 -14.31 16.67
N LEU B 83 23.74 -13.23 15.93
CA LEU B 83 24.43 -12.96 14.68
C LEU B 83 25.71 -12.17 14.88
N GLY B 84 25.98 -11.72 16.09
CA GLY B 84 27.18 -10.94 16.34
C GLY B 84 27.04 -9.48 15.99
N VAL B 85 25.84 -9.03 15.66
CA VAL B 85 25.59 -7.59 15.49
C VAL B 85 25.85 -6.88 16.80
N VAL B 86 25.47 -7.50 17.90
CA VAL B 86 25.81 -7.04 19.24
C VAL B 86 26.79 -8.04 19.84
N LYS B 87 27.96 -7.56 20.27
CA LYS B 87 28.98 -8.46 20.79
C LYS B 87 28.60 -8.95 22.19
N ASP B 88 28.16 -8.03 23.05
CA ASP B 88 27.78 -8.37 24.40
C ASP B 88 26.99 -7.21 24.96
N GLU B 89 26.63 -7.33 26.24
CA GLU B 89 25.76 -6.35 26.89
C GLU B 89 26.49 -5.07 27.28
N HIS B 90 27.80 -5.01 27.05
CA HIS B 90 28.62 -3.86 27.36
C HIS B 90 28.92 -2.99 26.15
N GLN B 91 28.81 -3.55 24.95
CA GLN B 91 29.15 -2.79 23.75
C GLN B 91 28.33 -1.51 23.70
N VAL B 92 29.01 -0.40 23.39
CA VAL B 92 28.37 0.91 23.40
C VAL B 92 27.92 1.27 21.99
N PHE B 93 26.66 1.62 21.86
CA PHE B 93 26.10 2.15 20.61
C PHE B 93 25.98 3.65 20.79
N LYS B 94 26.83 4.40 20.09
CA LYS B 94 26.92 5.82 20.35
C LYS B 94 25.72 6.54 19.79
N TRP B 95 25.26 7.56 20.52
CA TRP B 95 24.24 8.46 20.02
C TRP B 95 24.62 8.98 18.64
N ASP B 96 23.68 8.97 17.73
CA ASP B 96 23.99 9.48 16.39
C ASP B 96 23.90 10.99 16.28
N GLY B 97 23.69 11.71 17.39
CA GLY B 97 23.68 13.15 17.38
C GLY B 97 22.37 13.78 16.98
N GLN B 98 21.38 13.00 16.54
CA GLN B 98 20.08 13.56 16.19
C GLN B 98 19.23 13.66 17.45
N THR B 99 18.80 14.88 17.78
CA THR B 99 18.01 15.10 18.98
C THR B 99 16.58 14.64 18.74
N ARG B 100 16.14 13.66 19.51
CA ARG B 100 14.80 13.12 19.40
C ARG B 100 13.96 13.54 20.59
N ASP B 101 12.66 13.28 20.50
CA ASP B 101 11.73 13.82 21.48
C ASP B 101 11.82 13.14 22.84
N ILE B 102 12.51 12.01 22.93
CA ILE B 102 12.63 11.27 24.18
C ILE B 102 14.07 11.49 24.66
N ALA B 103 14.19 12.23 25.76
CA ALA B 103 15.50 12.69 26.18
C ALA B 103 16.44 11.54 26.47
N THR B 104 15.93 10.46 27.05
CA THR B 104 16.83 9.37 27.36
C THR B 104 17.42 8.71 26.11
N TRP B 105 16.85 8.97 24.93
CA TRP B 105 17.41 8.41 23.71
C TRP B 105 18.62 9.20 23.19
N ASN B 106 18.84 10.42 23.68
CA ASN B 106 19.87 11.30 23.13
C ASN B 106 21.19 11.15 23.89
N ARG B 107 21.66 9.91 23.95
N ARG B 107 21.66 9.91 23.98
CA ARG B 107 22.87 9.57 24.70
CA ARG B 107 22.83 9.54 24.76
C ARG B 107 23.37 8.21 24.22
C ARG B 107 23.34 8.19 24.28
N ASP B 108 24.58 7.87 24.65
CA ASP B 108 25.15 6.56 24.38
C ASP B 108 24.38 5.50 25.17
N HIS B 109 24.27 4.30 24.59
CA HIS B 109 23.57 3.19 25.23
C HIS B 109 24.34 1.89 25.04
N ASN B 110 24.08 0.94 25.94
CA ASN B 110 24.45 -0.46 25.73
C ASN B 110 23.13 -1.25 25.67
N LEU B 111 23.23 -2.58 25.53
CA LEU B 111 22.01 -3.38 25.36
C LEU B 111 21.09 -3.26 26.56
N ILE B 112 21.67 -3.18 27.77
CA ILE B 112 20.89 -3.09 29.00
C ILE B 112 20.12 -1.78 29.03
N THR B 113 20.81 -0.66 28.81
CA THR B 113 20.14 0.64 28.91
C THR B 113 19.23 0.86 27.71
N ALA B 114 19.59 0.31 26.55
CA ALA B 114 18.72 0.45 25.38
C ALA B 114 17.40 -0.27 25.60
N MET B 115 17.43 -1.44 26.25
N MET B 115 17.45 -1.46 26.22
CA MET B 115 16.16 -2.10 26.55
CA MET B 115 16.23 -2.15 26.62
C MET B 115 15.41 -1.34 27.66
C MET B 115 15.45 -1.32 27.63
N LYS B 116 16.11 -0.91 28.70
CA LYS B 116 15.49 -0.17 29.80
C LYS B 116 14.72 1.05 29.32
N TYR B 117 15.30 1.81 28.40
CA TYR B 117 14.72 3.06 27.94
C TYR B 117 14.04 2.92 26.56
N SER B 118 13.80 1.68 26.11
CA SER B 118 13.16 1.38 24.82
C SER B 118 13.71 2.26 23.71
N VAL B 119 15.04 2.23 23.55
CA VAL B 119 15.69 3.15 22.62
C VAL B 119 15.56 2.66 21.17
N VAL B 120 14.46 3.08 20.55
CA VAL B 120 14.15 2.65 19.17
C VAL B 120 15.33 2.83 18.21
N PRO B 121 15.97 4.01 18.11
CA PRO B 121 16.99 4.16 17.06
C PRO B 121 18.14 3.19 17.19
N VAL B 122 18.47 2.75 18.40
CA VAL B 122 19.50 1.73 18.56
C VAL B 122 19.07 0.41 17.94
N TYR B 123 17.81 0.01 18.17
CA TYR B 123 17.30 -1.24 17.64
C TYR B 123 16.99 -1.16 16.15
N GLN B 124 16.72 0.04 15.63
CA GLN B 124 16.59 0.20 14.19
C GLN B 124 17.91 -0.09 13.49
N GLU B 125 19.02 0.34 14.09
CA GLU B 125 20.32 0.01 13.51
C GLU B 125 20.59 -1.49 13.58
N PHE B 126 20.26 -2.14 14.70
CA PHE B 126 20.36 -3.60 14.76
C PHE B 126 19.61 -4.22 13.59
N ALA B 127 18.36 -3.81 13.40
CA ALA B 127 17.52 -4.44 12.39
C ALA B 127 18.10 -4.27 10.99
N ARG B 128 18.62 -3.09 10.68
CA ARG B 128 19.24 -2.87 9.37
C ARG B 128 20.43 -3.81 9.17
N GLN B 129 21.23 -4.00 10.22
CA GLN B 129 22.40 -4.88 10.11
C GLN B 129 21.98 -6.33 10.01
N ILE B 130 20.91 -6.71 10.71
CA ILE B 130 20.37 -8.06 10.59
C ILE B 130 19.87 -8.30 9.17
N GLY B 131 19.04 -7.39 8.67
CA GLY B 131 18.55 -7.48 7.31
C GLY B 131 17.28 -8.32 7.20
N GLU B 132 16.55 -8.09 6.11
CA GLU B 132 15.22 -8.69 5.95
C GLU B 132 15.29 -10.21 5.97
N ALA B 133 16.19 -10.80 5.20
CA ALA B 133 16.22 -12.25 5.05
C ALA B 133 16.47 -12.96 6.38
N ARG B 134 17.46 -12.51 7.13
CA ARG B 134 17.77 -13.16 8.40
C ARG B 134 16.70 -12.87 9.43
N MET B 135 16.14 -11.67 9.41
CA MET B 135 15.09 -11.34 10.35
C MET B 135 13.89 -12.26 10.14
N SER B 136 13.48 -12.43 8.88
CA SER B 136 12.32 -13.25 8.58
C SER B 136 12.57 -14.70 8.99
N LYS B 137 13.72 -15.24 8.59
CA LYS B 137 14.07 -16.61 8.95
C LYS B 137 14.08 -16.82 10.46
N MET B 138 14.63 -15.87 11.22
CA MET B 138 14.69 -16.07 12.67
C MET B 138 13.30 -16.01 13.31
N LEU B 139 12.42 -15.11 12.84
CA LEU B 139 11.09 -15.08 13.42
C LEU B 139 10.30 -16.34 13.09
N HIS B 140 10.52 -16.94 11.92
N HIS B 140 10.50 -16.92 11.91
CA HIS B 140 9.89 -18.24 11.66
CA HIS B 140 9.93 -18.22 11.61
C HIS B 140 10.45 -19.30 12.60
C HIS B 140 10.45 -19.28 12.59
N ALA B 141 11.77 -19.31 12.82
CA ALA B 141 12.35 -20.26 13.76
C ALA B 141 11.81 -20.07 15.16
N PHE B 142 11.51 -18.82 15.54
CA PHE B 142 10.96 -18.51 16.85
C PHE B 142 9.47 -18.78 16.94
N ASP B 143 8.79 -19.10 15.83
CA ASP B 143 7.34 -19.26 15.82
C ASP B 143 6.65 -18.00 16.33
N TYR B 144 7.17 -16.83 15.96
CA TYR B 144 6.80 -15.57 16.61
C TYR B 144 5.59 -14.92 15.92
N GLY B 145 4.46 -14.91 16.61
CA GLY B 145 3.28 -14.20 16.13
C GLY B 145 2.88 -14.69 14.76
N ASN B 146 2.60 -13.76 13.86
CA ASN B 146 2.24 -14.11 12.49
C ASN B 146 3.44 -14.16 11.57
N GLU B 147 4.64 -13.99 12.12
CA GLU B 147 5.90 -14.20 11.41
C GLU B 147 6.05 -13.30 10.17
N ASP B 148 5.32 -12.20 10.11
CA ASP B 148 5.23 -11.35 8.92
C ASP B 148 5.98 -10.05 9.18
N ILE B 149 7.09 -9.83 8.49
CA ILE B 149 7.88 -8.62 8.72
C ILE B 149 7.64 -7.56 7.64
N SER B 150 6.55 -7.65 6.90
CA SER B 150 6.31 -6.71 5.82
C SER B 150 6.37 -5.28 6.33
N GLY B 151 7.00 -4.42 5.54
CA GLY B 151 7.26 -3.06 5.96
C GLY B 151 8.73 -2.77 5.90
N ASN B 152 9.10 -1.65 6.51
CA ASN B 152 10.51 -1.29 6.59
C ASN B 152 11.21 -2.27 7.51
N VAL B 153 12.41 -2.72 7.11
CA VAL B 153 13.14 -3.68 7.96
C VAL B 153 13.41 -3.07 9.32
N ASP B 154 13.49 -1.74 9.41
CA ASP B 154 13.76 -1.08 10.67
C ASP B 154 12.54 -0.39 11.28
N SER B 155 11.32 -0.76 10.85
CA SER B 155 10.18 -0.27 11.59
C SER B 155 8.97 -1.19 11.59
N PHE B 156 9.07 -2.41 11.07
CA PHE B 156 7.88 -3.23 10.85
C PHE B 156 7.19 -3.58 12.17
N TRP B 157 7.93 -3.61 13.30
CA TRP B 157 7.32 -3.91 14.59
C TRP B 157 6.56 -2.72 15.17
N LEU B 158 6.68 -1.55 14.55
CA LEU B 158 5.98 -0.32 14.93
C LEU B 158 4.88 0.07 13.96
N ASP B 159 5.08 -0.18 12.66
CA ASP B 159 4.06 0.22 11.70
C ASP B 159 3.99 -0.70 10.47
N GLY B 160 4.48 -1.93 10.57
CA GLY B 160 4.40 -2.90 9.49
C GLY B 160 3.43 -4.03 9.76
N GLY B 161 3.69 -5.20 9.18
CA GLY B 161 2.67 -6.25 9.14
C GLY B 161 2.69 -7.28 10.25
N ILE B 162 3.61 -7.16 11.21
CA ILE B 162 3.78 -8.19 12.23
C ILE B 162 2.73 -8.00 13.32
N ARG B 163 2.14 -9.11 13.76
CA ARG B 163 1.08 -9.09 14.77
C ARG B 163 1.33 -10.26 15.72
N ILE B 164 1.12 -10.03 17.02
CA ILE B 164 1.28 -11.09 18.01
C ILE B 164 0.27 -10.86 19.13
N SER B 165 -0.35 -11.96 19.61
CA SER B 165 -1.30 -11.87 20.69
C SER B 165 -0.62 -12.06 22.05
N ALA B 166 -1.35 -11.73 23.12
CA ALA B 166 -0.85 -11.94 24.46
C ALA B 166 -0.50 -13.40 24.73
N THR B 167 -1.35 -14.34 24.30
CA THR B 167 -1.00 -15.74 24.54
C THR B 167 0.23 -16.16 23.73
N GLU B 168 0.40 -15.61 22.53
CA GLU B 168 1.58 -15.92 21.74
C GLU B 168 2.83 -15.31 22.36
N GLN B 169 2.70 -14.14 23.01
CA GLN B 169 3.84 -13.59 23.75
C GLN B 169 4.27 -14.57 24.84
N ILE B 170 3.32 -15.14 25.56
CA ILE B 170 3.67 -16.07 26.62
C ILE B 170 4.35 -17.31 26.05
N SER B 171 3.80 -17.87 24.97
CA SER B 171 4.43 -19.05 24.36
C SER B 171 5.87 -18.78 24.00
N PHE B 172 6.14 -17.63 23.42
CA PHE B 172 7.51 -17.24 23.06
C PHE B 172 8.37 -17.08 24.30
N LEU B 173 7.86 -16.36 25.31
CA LEU B 173 8.62 -16.13 26.54
C LEU B 173 8.92 -17.44 27.27
N ARG B 174 8.01 -18.41 27.23
CA ARG B 174 8.28 -19.69 27.88
C ARG B 174 9.47 -20.38 27.22
N LYS B 175 9.58 -20.29 25.89
CA LYS B 175 10.74 -20.87 25.23
C LYS B 175 12.02 -20.15 25.67
N LEU B 176 11.95 -18.83 25.75
CA LEU B 176 13.12 -18.07 26.18
C LEU B 176 13.53 -18.45 27.59
N TYR B 177 12.55 -18.54 28.50
CA TYR B 177 12.82 -18.91 29.88
C TYR B 177 13.58 -20.23 29.96
N HIS B 178 13.18 -21.20 29.13
CA HIS B 178 13.78 -22.52 29.16
C HIS B 178 14.97 -22.68 28.22
N ASN B 179 15.47 -21.59 27.63
CA ASN B 179 16.58 -21.66 26.68
C ASN B 179 16.28 -22.55 25.48
N LYS B 180 15.00 -22.58 25.05
CA LYS B 180 14.56 -23.45 23.98
C LYS B 180 14.39 -22.74 22.65
N LEU B 181 14.68 -21.44 22.59
CA LEU B 181 14.67 -20.80 21.28
C LEU B 181 15.90 -21.20 20.48
N HIS B 182 15.81 -21.08 19.15
CA HIS B 182 16.87 -21.55 18.27
C HIS B 182 17.89 -20.43 18.04
N VAL B 183 18.50 -20.06 19.15
CA VAL B 183 19.69 -19.22 19.25
C VAL B 183 20.50 -19.83 20.39
N SER B 184 21.71 -19.32 20.62
CA SER B 184 22.57 -19.99 21.61
C SER B 184 22.02 -19.78 23.02
N GLU B 185 22.49 -20.62 23.94
CA GLU B 185 22.16 -20.40 25.36
C GLU B 185 22.65 -19.03 25.81
N ARG B 186 23.86 -18.66 25.40
CA ARG B 186 24.44 -17.36 25.77
C ARG B 186 23.53 -16.21 25.36
N SER B 187 23.07 -16.21 24.10
CA SER B 187 22.20 -15.12 23.65
C SER B 187 20.95 -15.02 24.51
N GLN B 188 20.35 -16.16 24.84
CA GLN B 188 19.15 -16.16 25.68
C GLN B 188 19.44 -15.67 27.09
N ARG B 189 20.56 -16.09 27.68
CA ARG B 189 20.94 -15.60 29.00
C ARG B 189 21.14 -14.08 29.01
N ILE B 190 21.79 -13.55 27.99
CA ILE B 190 22.05 -12.10 27.95
C ILE B 190 20.74 -11.32 27.83
N VAL B 191 19.83 -11.77 26.97
CA VAL B 191 18.56 -11.06 26.84
C VAL B 191 17.76 -11.14 28.13
N LYS B 192 17.74 -12.29 28.79
CA LYS B 192 17.02 -12.36 30.07
C LYS B 192 17.65 -11.46 31.12
N GLN B 193 18.98 -11.30 31.08
CA GLN B 193 19.61 -10.31 31.95
C GLN B 193 19.11 -8.90 31.62
N ALA B 194 19.08 -8.57 30.34
CA ALA B 194 18.64 -7.24 29.93
C ALA B 194 17.16 -7.00 30.24
N MET B 195 16.36 -8.06 30.31
CA MET B 195 14.95 -7.92 30.66
C MET B 195 14.72 -7.64 32.13
N LEU B 196 15.76 -7.73 32.97
CA LEU B 196 15.54 -7.57 34.39
C LEU B 196 14.89 -6.22 34.68
N THR B 197 13.77 -6.26 35.36
CA THR B 197 12.99 -5.06 35.65
C THR B 197 12.84 -4.78 37.13
N GLU B 198 12.61 -5.79 37.96
CA GLU B 198 12.44 -5.56 39.38
C GLU B 198 12.89 -6.81 40.11
N ALA B 199 13.49 -6.63 41.27
CA ALA B 199 13.82 -7.78 42.10
C ALA B 199 13.84 -7.36 43.55
N ASN B 200 13.32 -8.24 44.41
CA ASN B 200 13.38 -8.06 45.84
C ASN B 200 13.36 -9.44 46.49
N GLY B 201 13.15 -9.47 47.79
CA GLY B 201 13.16 -10.73 48.49
C GLY B 201 11.99 -11.61 48.22
N ASP B 202 10.98 -11.10 47.52
CA ASP B 202 9.75 -11.84 47.26
C ASP B 202 9.62 -12.32 45.81
N TYR B 203 10.21 -11.62 44.85
CA TYR B 203 10.03 -12.01 43.46
C TYR B 203 11.06 -11.31 42.59
N ILE B 204 11.23 -11.83 41.38
CA ILE B 204 11.99 -11.21 40.32
C ILE B 204 11.07 -11.06 39.12
N ILE B 205 11.04 -9.87 38.50
CA ILE B 205 10.32 -9.63 37.25
C ILE B 205 11.32 -9.36 36.15
N ARG B 206 11.24 -10.18 35.10
CA ARG B 206 11.90 -9.95 33.83
C ARG B 206 10.83 -9.68 32.80
N ALA B 207 10.92 -8.55 32.11
CA ALA B 207 9.77 -8.08 31.33
C ALA B 207 10.24 -7.03 30.35
N LYS B 208 9.32 -6.67 29.45
CA LYS B 208 9.55 -5.59 28.49
C LYS B 208 8.23 -4.87 28.24
N THR B 209 8.28 -3.55 28.31
CA THR B 209 7.14 -2.71 27.98
C THR B 209 7.06 -2.47 26.47
N GLY B 210 5.87 -2.09 26.03
CA GLY B 210 5.68 -1.61 24.67
C GLY B 210 4.60 -0.57 24.58
N TYR B 211 4.68 0.26 23.55
CA TYR B 211 3.72 1.33 23.35
C TYR B 211 3.53 1.50 21.85
N SER B 212 2.39 1.05 21.33
CA SER B 212 2.10 1.12 19.90
C SER B 212 1.26 2.36 19.61
N THR B 213 1.84 3.31 18.88
CA THR B 213 1.16 4.55 18.55
C THR B 213 1.02 4.83 17.06
N ARG B 214 1.68 4.08 16.18
CA ARG B 214 1.75 4.49 14.78
C ARG B 214 0.52 4.07 13.98
N ILE B 215 -0.12 2.98 14.39
CA ILE B 215 -1.27 2.41 13.71
C ILE B 215 -2.31 2.10 14.77
N GLU B 216 -3.56 2.43 14.50
CA GLU B 216 -4.64 2.13 15.44
C GLU B 216 -4.88 0.62 15.56
N PRO B 217 -5.32 0.15 16.74
CA PRO B 217 -5.58 0.91 17.96
C PRO B 217 -4.30 1.16 18.77
N LYS B 218 -4.15 2.36 19.29
CA LYS B 218 -3.00 2.64 20.17
C LYS B 218 -3.14 1.82 21.45
N ILE B 219 -2.09 1.09 21.78
CA ILE B 219 -2.10 0.19 22.94
C ILE B 219 -0.77 0.26 23.67
N GLY B 220 -0.84 -0.13 24.94
CA GLY B 220 0.34 -0.41 25.73
C GLY B 220 0.43 -1.91 26.02
N TRP B 221 1.67 -2.40 26.11
CA TRP B 221 2.02 -3.76 26.40
C TRP B 221 2.89 -3.84 27.65
N TRP B 222 2.78 -4.94 28.39
CA TRP B 222 3.83 -5.37 29.32
C TRP B 222 3.83 -6.89 29.27
N VAL B 223 4.96 -7.49 28.90
CA VAL B 223 5.07 -8.93 28.80
C VAL B 223 6.31 -9.40 29.54
N GLY B 224 6.23 -10.58 30.18
CA GLY B 224 7.38 -11.09 30.92
C GLY B 224 7.00 -12.23 31.81
N TRP B 225 7.72 -12.33 32.94
CA TRP B 225 7.37 -13.32 33.94
C TRP B 225 7.82 -12.87 35.32
N VAL B 226 7.19 -13.51 36.31
CA VAL B 226 7.49 -13.34 37.72
C VAL B 226 8.13 -14.63 38.22
N GLU B 227 9.38 -14.56 38.66
CA GLU B 227 10.06 -15.68 39.25
C GLU B 227 9.80 -15.70 40.75
N LEU B 228 9.33 -16.83 41.25
CA LEU B 228 9.16 -17.10 42.68
C LEU B 228 10.14 -18.20 43.07
N ASP B 229 10.21 -18.48 44.37
CA ASP B 229 11.10 -19.54 44.85
C ASP B 229 10.82 -20.87 44.15
N ASP B 230 9.55 -21.23 43.99
CA ASP B 230 9.22 -22.57 43.51
C ASP B 230 8.23 -22.57 42.33
N ASN B 231 8.12 -21.48 41.59
CA ASN B 231 7.25 -21.46 40.42
C ASN B 231 7.64 -20.24 39.60
N VAL B 232 7.11 -20.15 38.39
N VAL B 232 7.13 -20.18 38.37
CA VAL B 232 7.26 -18.97 37.55
CA VAL B 232 7.24 -19.01 37.50
C VAL B 232 5.93 -18.68 36.88
C VAL B 232 5.84 -18.72 36.99
N TRP B 233 5.46 -17.45 37.03
CA TRP B 233 4.20 -17.00 36.45
C TRP B 233 4.55 -16.12 35.25
N PHE B 234 4.25 -16.59 34.06
CA PHE B 234 4.41 -15.77 32.87
C PHE B 234 3.19 -14.84 32.74
N PHE B 235 3.44 -13.67 32.16
CA PHE B 235 2.34 -12.72 31.97
C PHE B 235 2.50 -11.96 30.67
N ALA B 236 1.35 -11.55 30.14
CA ALA B 236 1.29 -10.67 28.98
C ALA B 236 0.01 -9.88 29.11
N MET B 237 0.13 -8.55 29.04
CA MET B 237 -1.01 -7.67 29.13
C MET B 237 -0.93 -6.65 28.01
N ASN B 238 -2.11 -6.28 27.49
CA ASN B 238 -2.19 -5.06 26.72
C ASN B 238 -3.46 -4.32 27.09
N MET B 239 -3.47 -3.03 26.76
CA MET B 239 -4.58 -2.16 27.13
C MET B 239 -4.64 -0.99 26.16
N ASP B 240 -5.84 -0.45 25.99
CA ASP B 240 -5.99 0.71 25.12
C ASP B 240 -5.25 1.89 25.74
N MET B 241 -4.60 2.68 24.89
CA MET B 241 -3.68 3.72 25.34
C MET B 241 -3.82 4.94 24.42
N PRO B 242 -4.94 5.66 24.54
CA PRO B 242 -5.17 6.79 23.64
C PRO B 242 -4.20 7.94 23.85
N THR B 243 -3.62 8.08 25.05
CA THR B 243 -2.56 9.06 25.29
C THR B 243 -1.49 8.43 26.16
N SER B 244 -0.32 9.08 26.20
CA SER B 244 0.78 8.55 26.98
C SER B 244 0.55 8.68 28.48
N ASP B 245 -0.49 9.40 28.89
CA ASP B 245 -0.72 9.63 30.31
C ASP B 245 -0.97 8.34 31.07
N GLY B 246 -1.52 7.34 30.40
CA GLY B 246 -1.89 6.10 31.04
C GLY B 246 -0.81 5.04 31.07
N LEU B 247 0.42 5.34 30.66
CA LEU B 247 1.39 4.26 30.48
C LEU B 247 1.68 3.54 31.80
N GLY B 248 1.69 4.27 32.93
CA GLY B 248 2.00 3.61 34.20
C GLY B 248 0.99 2.56 34.58
N LEU B 249 -0.18 2.56 33.96
CA LEU B 249 -1.21 1.57 34.24
C LEU B 249 -0.85 0.19 33.72
N ARG B 250 0.07 0.10 32.77
CA ARG B 250 0.50 -1.21 32.29
C ARG B 250 1.02 -2.06 33.45
N GLN B 251 1.96 -1.52 34.21
CA GLN B 251 2.48 -2.23 35.37
C GLN B 251 1.47 -2.25 36.51
N ALA B 252 0.77 -1.14 36.72
CA ALA B 252 -0.09 -1.01 37.89
C ALA B 252 -1.24 -2.00 37.84
N ILE B 253 -1.88 -2.12 36.68
CA ILE B 253 -3.00 -3.07 36.57
C ILE B 253 -2.49 -4.51 36.68
N THR B 254 -1.37 -4.82 36.01
CA THR B 254 -0.80 -6.15 36.13
C THR B 254 -0.53 -6.50 37.58
N LYS B 255 0.09 -5.58 38.34
CA LYS B 255 0.39 -5.88 39.73
C LYS B 255 -0.87 -6.04 40.56
N GLU B 256 -1.94 -5.30 40.26
CA GLU B 256 -3.17 -5.51 41.00
C GLU B 256 -3.68 -6.93 40.80
N VAL B 257 -3.57 -7.45 39.58
CA VAL B 257 -3.97 -8.84 39.32
C VAL B 257 -3.05 -9.81 40.06
N LEU B 258 -1.74 -9.61 39.94
CA LEU B 258 -0.81 -10.48 40.66
C LEU B 258 -1.08 -10.46 42.15
N LYS B 259 -1.36 -9.29 42.71
CA LYS B 259 -1.68 -9.20 44.13
C LYS B 259 -2.99 -9.92 44.45
N GLN B 260 -4.02 -9.71 43.62
CA GLN B 260 -5.30 -10.39 43.86
C GLN B 260 -5.11 -11.90 43.88
N GLU B 261 -4.26 -12.42 43.00
CA GLU B 261 -4.04 -13.85 42.91
C GLU B 261 -2.98 -14.35 43.89
N LYS B 262 -2.47 -13.49 44.77
CA LYS B 262 -1.52 -13.88 45.81
C LYS B 262 -0.18 -14.35 45.24
N ILE B 263 0.17 -13.84 44.06
CA ILE B 263 1.45 -14.19 43.44
C ILE B 263 2.55 -13.30 44.01
N ILE B 264 2.25 -12.04 44.24
CA ILE B 264 3.15 -11.14 44.95
C ILE B 264 2.40 -10.58 46.14
N PRO B 265 3.11 -10.10 47.17
CA PRO B 265 2.45 -9.52 48.35
C PRO B 265 1.71 -8.23 48.05
N LYS C 23 -5.70 -34.36 29.86
CA LYS C 23 -5.38 -33.01 29.39
C LYS C 23 -6.43 -32.55 28.39
N GLU C 24 -6.87 -31.30 28.54
CA GLU C 24 -7.96 -30.84 27.68
C GLU C 24 -7.53 -30.73 26.23
N TRP C 25 -6.31 -30.25 26.00
CA TRP C 25 -5.80 -30.03 24.66
C TRP C 25 -4.46 -30.73 24.53
N GLN C 26 -4.29 -31.44 23.42
CA GLN C 26 -3.04 -32.11 23.12
C GLN C 26 -2.56 -31.69 21.74
N GLU C 27 -1.26 -31.46 21.60
CA GLU C 27 -0.68 -31.13 20.31
C GLU C 27 -0.07 -32.39 19.70
N ASN C 28 -0.44 -32.69 18.45
CA ASN C 28 0.13 -33.82 17.74
C ASN C 28 0.78 -33.30 16.46
N LYS C 29 2.08 -33.06 16.52
CA LYS C 29 2.77 -32.50 15.37
C LYS C 29 2.97 -33.51 14.24
N SER C 30 2.67 -34.79 14.46
CA SER C 30 2.82 -35.75 13.38
C SER C 30 1.86 -35.47 12.24
N TRP C 31 0.75 -34.77 12.49
CA TRP C 31 -0.14 -34.40 11.41
C TRP C 31 0.51 -33.44 10.43
N ASN C 32 1.59 -32.77 10.83
CA ASN C 32 2.23 -31.83 9.91
C ASN C 32 2.68 -32.54 8.64
N ALA C 33 2.93 -33.86 8.73
CA ALA C 33 3.38 -34.59 7.55
C ALA C 33 2.33 -34.52 6.45
N HIS C 34 1.05 -34.45 6.81
CA HIS C 34 0.02 -34.37 5.79
C HIS C 34 0.04 -33.03 5.08
N PHE C 35 0.49 -31.98 5.75
CA PHE C 35 0.63 -30.70 5.07
C PHE C 35 1.92 -30.64 4.26
N THR C 36 3.04 -31.08 4.83
CA THR C 36 4.30 -31.02 4.11
C THR C 36 4.27 -31.90 2.87
N GLU C 37 3.56 -33.01 2.90
CA GLU C 37 3.53 -33.86 1.71
C GLU C 37 2.93 -33.11 0.52
N HIS C 38 2.09 -32.12 0.78
CA HIS C 38 1.50 -31.32 -0.29
C HIS C 38 2.12 -29.94 -0.38
N LYS C 39 3.31 -29.77 0.21
CA LYS C 39 4.06 -28.53 0.13
C LYS C 39 3.25 -27.34 0.66
N SER C 40 2.45 -27.58 1.70
N SER C 40 2.50 -27.57 1.73
CA SER C 40 1.70 -26.47 2.30
CA SER C 40 1.62 -26.57 2.30
C SER C 40 1.84 -26.45 3.81
C SER C 40 1.81 -26.50 3.81
N GLN C 41 1.01 -25.64 4.45
CA GLN C 41 1.05 -25.45 5.88
C GLN C 41 -0.36 -25.13 6.34
N GLY C 42 -0.67 -25.58 7.55
CA GLY C 42 -2.00 -25.36 8.08
C GLY C 42 -2.19 -25.99 9.43
N VAL C 43 -3.45 -25.98 9.85
CA VAL C 43 -3.84 -26.51 11.16
C VAL C 43 -5.11 -27.31 10.99
N VAL C 44 -5.15 -28.47 11.66
CA VAL C 44 -6.38 -29.22 11.88
C VAL C 44 -6.63 -29.24 13.38
N VAL C 45 -7.86 -28.95 13.76
CA VAL C 45 -8.31 -29.03 15.15
C VAL C 45 -9.45 -30.04 15.20
N LEU C 46 -9.35 -31.00 16.12
CA LEU C 46 -10.38 -32.01 16.35
C LEU C 46 -10.87 -31.91 17.78
N TRP C 47 -12.16 -32.19 17.99
CA TRP C 47 -12.74 -32.21 19.33
C TRP C 47 -13.58 -33.47 19.47
N ASN C 48 -13.20 -34.32 20.43
CA ASN C 48 -13.94 -35.55 20.75
C ASN C 48 -15.05 -35.18 21.72
N GLU C 49 -16.32 -35.23 21.26
CA GLU C 49 -17.38 -34.72 22.11
C GLU C 49 -17.59 -35.58 23.36
N ASN C 50 -17.54 -36.91 23.22
CA ASN C 50 -17.75 -37.78 24.36
C ASN C 50 -16.71 -37.53 25.45
N LYS C 51 -15.46 -37.37 25.05
CA LYS C 51 -14.36 -37.30 26.01
C LYS C 51 -14.04 -35.88 26.42
N GLN C 52 -14.65 -34.90 25.75
CA GLN C 52 -14.40 -33.49 25.97
C GLN C 52 -12.89 -33.19 25.92
N GLN C 53 -12.26 -33.67 24.86
CA GLN C 53 -10.83 -33.49 24.63
C GLN C 53 -10.57 -33.04 23.20
N GLY C 54 -9.61 -32.15 23.05
CA GLY C 54 -9.24 -31.58 21.78
C GLY C 54 -7.82 -31.93 21.39
N PHE C 55 -7.57 -31.91 20.07
CA PHE C 55 -6.30 -32.31 19.49
C PHE C 55 -5.98 -31.39 18.33
N THR C 56 -4.73 -30.97 18.20
CA THR C 56 -4.37 -30.16 17.05
C THR C 56 -2.89 -30.34 16.75
N ASN C 57 -2.50 -30.11 15.49
CA ASN C 57 -1.07 -30.14 15.17
C ASN C 57 -0.36 -28.82 15.48
N ASN C 58 -1.08 -27.75 15.79
CA ASN C 58 -0.43 -26.45 15.95
C ASN C 58 -1.32 -25.59 16.87
N LEU C 59 -0.99 -25.60 18.16
CA LEU C 59 -1.79 -24.86 19.13
C LEU C 59 -1.82 -23.37 18.81
N LYS C 60 -0.70 -22.83 18.34
CA LYS C 60 -0.68 -21.41 17.97
C LYS C 60 -1.65 -21.13 16.83
N ARG C 61 -1.50 -21.82 15.72
CA ARG C 61 -2.34 -21.51 14.58
C ARG C 61 -3.80 -21.85 14.85
N ALA C 62 -4.07 -22.85 15.70
CA ALA C 62 -5.44 -23.17 16.12
C ALA C 62 -6.15 -21.99 16.76
N ASN C 63 -5.40 -21.03 17.31
CA ASN C 63 -5.97 -19.87 17.97
C ASN C 63 -5.73 -18.55 17.23
N GLN C 64 -5.17 -18.61 16.03
CA GLN C 64 -5.04 -17.41 15.21
C GLN C 64 -6.32 -17.12 14.45
N ALA C 65 -6.59 -15.85 14.27
CA ALA C 65 -7.87 -15.36 13.76
C ALA C 65 -7.78 -15.05 12.28
N PHE C 66 -8.69 -15.63 11.48
CA PHE C 66 -8.71 -15.41 10.05
C PHE C 66 -10.10 -14.96 9.62
N LEU C 67 -10.19 -14.33 8.43
CA LEU C 67 -11.49 -14.10 7.85
C LEU C 67 -12.23 -15.43 7.72
N PRO C 68 -13.51 -15.47 8.06
CA PRO C 68 -14.25 -16.73 7.91
C PRO C 68 -14.56 -17.09 6.46
N ALA C 69 -14.61 -16.11 5.57
CA ALA C 69 -15.03 -16.30 4.18
C ALA C 69 -16.30 -17.14 4.17
N SER C 70 -16.44 -18.11 3.25
CA SER C 70 -17.73 -18.75 3.08
C SER C 70 -18.11 -19.67 4.25
N THR C 71 -17.22 -19.91 5.24
CA THR C 71 -17.73 -20.57 6.44
C THR C 71 -18.76 -19.70 7.14
N PHE C 72 -18.77 -18.40 6.87
CA PHE C 72 -19.76 -17.50 7.41
C PHE C 72 -21.15 -17.83 6.89
N KCX C 73 -21.24 -18.66 5.86
CA KCX C 73 -22.57 -19.05 5.40
CB KCX C 73 -22.50 -19.80 4.05
CG KCX C 73 -22.09 -18.83 2.91
CD KCX C 73 -22.17 -19.48 1.55
CE KCX C 73 -21.87 -18.44 0.42
NZ KCX C 73 -20.47 -17.94 0.53
C KCX C 73 -23.35 -19.81 6.47
O KCX C 73 -24.57 -19.85 6.43
CX KCX C 73 -20.18 -16.73 1.02
OQ1 KCX C 73 -21.07 -15.97 1.41
OQ2 KCX C 73 -18.97 -16.39 1.12
N ILE C 74 -22.66 -20.41 7.45
CA ILE C 74 -23.37 -21.11 8.53
C ILE C 74 -24.15 -20.08 9.40
N PRO C 75 -23.49 -19.12 10.05
CA PRO C 75 -24.27 -18.15 10.85
C PRO C 75 -25.19 -17.31 9.98
N ASN C 76 -24.78 -16.96 8.77
CA ASN C 76 -25.64 -16.11 7.95
C ASN C 76 -26.94 -16.84 7.64
N SER C 77 -26.85 -18.13 7.34
CA SER C 77 -28.08 -18.92 7.09
C SER C 77 -28.97 -18.93 8.31
N LEU C 78 -28.38 -19.19 9.49
CA LEU C 78 -29.17 -19.24 10.72
C LEU C 78 -29.92 -17.95 10.94
N ILE C 79 -29.22 -16.82 10.79
CA ILE C 79 -29.85 -15.51 11.02
C ILE C 79 -30.94 -15.24 10.00
N ALA C 80 -30.67 -15.53 8.72
CA ALA C 80 -31.65 -15.30 7.68
C ALA C 80 -32.91 -16.12 7.93
N LEU C 81 -32.75 -17.38 8.34
CA LEU C 81 -33.93 -18.19 8.63
C LEU C 81 -34.67 -17.66 9.85
N ASP C 82 -33.94 -17.34 10.93
CA ASP C 82 -34.63 -17.02 12.16
C ASP C 82 -35.40 -15.71 12.03
N LEU C 83 -34.93 -14.79 11.19
CA LEU C 83 -35.61 -13.53 10.96
C LEU C 83 -36.65 -13.61 9.83
N GLY C 84 -36.77 -14.75 9.18
CA GLY C 84 -37.74 -14.89 8.11
C GLY C 84 -37.29 -14.31 6.78
N VAL C 85 -36.05 -13.82 6.68
CA VAL C 85 -35.49 -13.43 5.39
C VAL C 85 -35.53 -14.62 4.43
N VAL C 86 -35.26 -15.81 4.96
CA VAL C 86 -35.43 -17.07 4.25
C VAL C 86 -36.56 -17.83 4.92
N LYS C 87 -37.59 -18.20 4.14
CA LYS C 87 -38.75 -18.89 4.69
C LYS C 87 -38.41 -20.34 5.05
N ASP C 88 -37.72 -21.03 4.15
CA ASP C 88 -37.39 -22.44 4.33
C ASP C 88 -36.35 -22.79 3.28
N GLU C 89 -35.92 -24.06 3.29
CA GLU C 89 -34.84 -24.53 2.45
C GLU C 89 -35.26 -24.76 1.00
N HIS C 90 -36.54 -24.54 0.67
CA HIS C 90 -37.06 -24.68 -0.68
C HIS C 90 -37.22 -23.34 -1.41
N GLN C 91 -37.29 -22.23 -0.66
CA GLN C 91 -37.47 -20.92 -1.26
C GLN C 91 -36.41 -20.69 -2.33
N VAL C 92 -36.83 -20.22 -3.50
CA VAL C 92 -35.91 -20.02 -4.61
C VAL C 92 -35.42 -18.58 -4.63
N PHE C 93 -34.11 -18.42 -4.66
CA PHE C 93 -33.45 -17.13 -4.85
C PHE C 93 -33.04 -17.05 -6.32
N LYS C 94 -33.77 -16.24 -7.06
CA LYS C 94 -33.61 -16.18 -8.50
C LYS C 94 -32.26 -15.54 -8.86
N TRP C 95 -31.60 -16.10 -9.87
CA TRP C 95 -30.41 -15.46 -10.41
C TRP C 95 -30.72 -14.03 -10.82
N ASP C 96 -29.82 -13.11 -10.49
CA ASP C 96 -30.04 -11.73 -10.89
C ASP C 96 -29.65 -11.46 -12.34
N GLY C 97 -29.31 -12.48 -13.13
CA GLY C 97 -29.01 -12.25 -14.53
C GLY C 97 -27.66 -11.63 -14.79
N GLN C 98 -26.81 -11.51 -13.79
CA GLN C 98 -25.46 -11.02 -13.99
C GLN C 98 -24.53 -12.21 -14.12
N THR C 99 -23.92 -12.33 -15.28
CA THR C 99 -23.05 -13.47 -15.53
C THR C 99 -21.79 -13.32 -14.69
N ARG C 100 -21.55 -14.29 -13.81
CA ARG C 100 -20.36 -14.35 -12.97
C ARG C 100 -19.49 -15.51 -13.45
N ASP C 101 -18.26 -15.59 -12.92
CA ASP C 101 -17.29 -16.52 -13.50
C ASP C 101 -17.33 -17.91 -12.88
N ILE C 102 -18.23 -18.16 -11.95
CA ILE C 102 -18.52 -19.51 -11.47
C ILE C 102 -19.85 -19.91 -12.07
N ALA C 103 -19.82 -20.88 -13.01
CA ALA C 103 -21.01 -21.22 -13.79
C ALA C 103 -22.19 -21.58 -12.90
N THR C 104 -21.93 -22.32 -11.80
CA THR C 104 -23.02 -22.76 -10.93
C THR C 104 -23.67 -21.61 -10.19
N TRP C 105 -23.05 -20.43 -10.16
CA TRP C 105 -23.73 -19.29 -9.56
C TRP C 105 -24.74 -18.65 -10.50
N ASN C 106 -24.62 -18.91 -11.80
CA ASN C 106 -25.47 -18.29 -12.83
C ASN C 106 -26.76 -19.07 -13.02
N ARG C 107 -27.44 -19.29 -11.91
CA ARG C 107 -28.67 -20.07 -11.90
C ARG C 107 -29.43 -19.78 -10.63
N ASP C 108 -30.68 -20.26 -10.59
CA ASP C 108 -31.49 -20.12 -9.39
C ASP C 108 -30.98 -21.07 -8.32
N HIS C 109 -31.19 -20.69 -7.05
CA HIS C 109 -30.72 -21.48 -5.92
C HIS C 109 -31.76 -21.50 -4.82
N ASN C 110 -31.66 -22.53 -3.96
CA ASN C 110 -32.32 -22.53 -2.66
C ASN C 110 -31.22 -22.59 -1.62
N LEU C 111 -31.62 -22.71 -0.36
CA LEU C 111 -30.60 -22.69 0.70
C LEU C 111 -29.64 -23.87 0.55
N ILE C 112 -30.15 -25.04 0.15
CA ILE C 112 -29.33 -26.24 0.06
C ILE C 112 -28.27 -26.07 -1.02
N THR C 113 -28.70 -25.62 -2.21
CA THR C 113 -27.74 -25.52 -3.30
C THR C 113 -26.84 -24.29 -3.13
N ALA C 114 -27.36 -23.21 -2.54
CA ALA C 114 -26.53 -22.04 -2.29
C ALA C 114 -25.41 -22.36 -1.32
N MET C 115 -25.68 -23.22 -0.33
CA MET C 115 -24.63 -23.67 0.56
C MET C 115 -23.64 -24.58 -0.18
N LYS C 116 -24.19 -25.56 -0.91
CA LYS C 116 -23.37 -26.53 -1.63
C LYS C 116 -22.37 -25.86 -2.55
N TYR C 117 -22.81 -24.86 -3.30
CA TYR C 117 -21.98 -24.20 -4.31
C TYR C 117 -21.40 -22.89 -3.81
N SER C 118 -21.48 -22.61 -2.51
N SER C 118 -21.55 -22.60 -2.52
CA SER C 118 -20.93 -21.41 -1.90
CA SER C 118 -20.96 -21.43 -1.90
C SER C 118 -21.29 -20.15 -2.68
C SER C 118 -21.29 -20.16 -2.67
N VAL C 119 -22.59 -19.95 -2.88
CA VAL C 119 -23.07 -18.92 -3.78
C VAL C 119 -23.11 -17.57 -3.08
N VAL C 120 -21.97 -16.89 -3.15
CA VAL C 120 -21.81 -15.60 -2.47
C VAL C 120 -22.93 -14.62 -2.76
N PRO C 121 -23.31 -14.36 -4.02
CA PRO C 121 -24.28 -13.27 -4.24
C PRO C 121 -25.62 -13.53 -3.57
N VAL C 122 -26.02 -14.80 -3.41
CA VAL C 122 -27.26 -15.10 -2.69
C VAL C 122 -27.13 -14.66 -1.23
N TYR C 123 -25.99 -14.96 -0.60
CA TYR C 123 -25.76 -14.62 0.78
C TYR C 123 -25.48 -13.13 0.98
N GLN C 124 -24.94 -12.46 -0.03
CA GLN C 124 -24.83 -11.01 0.01
C GLN C 124 -26.20 -10.38 0.13
N GLU C 125 -27.18 -10.88 -0.61
CA GLU C 125 -28.51 -10.30 -0.50
C GLU C 125 -29.15 -10.65 0.85
N PHE C 126 -28.91 -11.85 1.38
CA PHE C 126 -29.38 -12.14 2.74
C PHE C 126 -28.86 -11.07 3.71
N ALA C 127 -27.56 -10.77 3.62
CA ALA C 127 -26.94 -9.86 4.57
C ALA C 127 -27.53 -8.47 4.48
N ARG C 128 -27.80 -7.99 3.25
CA ARG C 128 -28.44 -6.69 3.10
C ARG C 128 -29.81 -6.66 3.74
N GLN C 129 -30.57 -7.75 3.61
CA GLN C 129 -31.91 -7.79 4.16
C GLN C 129 -31.89 -7.93 5.67
N ILE C 130 -30.92 -8.68 6.21
CA ILE C 130 -30.70 -8.75 7.66
C ILE C 130 -30.37 -7.36 8.19
N GLY C 131 -29.39 -6.71 7.55
CA GLY C 131 -28.95 -5.38 7.94
C GLY C 131 -27.91 -5.41 9.05
N GLU C 132 -27.17 -4.30 9.17
CA GLU C 132 -26.02 -4.22 10.08
C GLU C 132 -26.42 -4.47 11.53
N ALA C 133 -27.45 -3.78 11.99
CA ALA C 133 -27.80 -3.86 13.41
C ALA C 133 -28.17 -5.28 13.82
N ARG C 134 -29.05 -5.94 13.06
CA ARG C 134 -29.45 -7.29 13.44
C ARG C 134 -28.31 -8.27 13.25
N MET C 135 -27.50 -8.08 12.21
CA MET C 135 -26.35 -8.95 12.01
C MET C 135 -25.39 -8.87 13.18
N SER C 136 -25.05 -7.64 13.59
CA SER C 136 -24.14 -7.46 14.72
C SER C 136 -24.72 -8.07 16.00
N LYS C 137 -25.99 -7.77 16.29
CA LYS C 137 -26.64 -8.32 17.47
C LYS C 137 -26.53 -9.83 17.51
N MET C 138 -26.80 -10.49 16.38
CA MET C 138 -26.81 -11.94 16.39
C MET C 138 -25.41 -12.53 16.48
N LEU C 139 -24.40 -11.87 15.89
CA LEU C 139 -23.05 -12.38 16.08
C LEU C 139 -22.59 -12.26 17.53
N HIS C 140 -23.00 -11.20 18.24
CA HIS C 140 -22.76 -11.16 19.68
C HIS C 140 -23.49 -12.29 20.39
N ALA C 141 -24.76 -12.52 20.03
CA ALA C 141 -25.52 -13.57 20.71
C ALA C 141 -24.91 -14.94 20.47
N PHE C 142 -24.33 -15.16 19.30
CA PHE C 142 -23.67 -16.41 18.93
C PHE C 142 -22.26 -16.53 19.51
N ASP C 143 -21.73 -15.48 20.13
CA ASP C 143 -20.34 -15.47 20.59
C ASP C 143 -19.39 -15.81 19.44
N TYR C 144 -19.71 -15.29 18.25
CA TYR C 144 -19.06 -15.73 17.00
C TYR C 144 -17.76 -14.95 16.75
N GLY C 145 -16.63 -15.62 16.92
CA GLY C 145 -15.33 -15.02 16.63
C GLY C 145 -15.14 -13.71 17.37
N ASN C 146 -14.58 -12.73 16.69
CA ASN C 146 -14.42 -11.43 17.31
C ASN C 146 -15.69 -10.58 17.25
N GLU C 147 -16.79 -11.13 16.72
CA GLU C 147 -18.11 -10.51 16.78
C GLU C 147 -18.16 -9.14 16.11
N ASP C 148 -17.26 -8.86 15.14
N ASP C 148 -17.21 -8.84 15.22
CA ASP C 148 -17.04 -7.53 14.59
CA ASP C 148 -17.10 -7.51 14.62
C ASP C 148 -17.45 -7.50 13.13
C ASP C 148 -17.54 -7.59 13.17
N ILE C 149 -18.52 -6.77 12.81
CA ILE C 149 -19.00 -6.73 11.43
C ILE C 149 -18.50 -5.50 10.68
N SER C 150 -17.50 -4.82 11.21
CA SER C 150 -17.00 -3.61 10.54
C SER C 150 -16.69 -3.93 9.08
N GLY C 151 -16.98 -2.97 8.22
CA GLY C 151 -16.84 -3.19 6.79
C GLY C 151 -18.17 -3.05 6.10
N ASN C 152 -18.29 -3.58 4.89
CA ASN C 152 -19.53 -3.48 4.15
C ASN C 152 -20.45 -4.62 4.57
N VAL C 153 -21.73 -4.30 4.78
CA VAL C 153 -22.64 -5.34 5.28
C VAL C 153 -22.76 -6.50 4.29
N ASP C 154 -22.54 -6.28 3.00
CA ASP C 154 -22.63 -7.34 2.02
C ASP C 154 -21.30 -8.02 1.69
N SER C 155 -20.23 -7.73 2.44
CA SER C 155 -18.97 -8.39 2.13
C SER C 155 -18.05 -8.51 3.34
N PHE C 156 -18.49 -8.19 4.56
CA PHE C 156 -17.53 -8.08 5.66
C PHE C 156 -16.86 -9.41 5.98
N TRP C 157 -17.53 -10.55 5.73
CA TRP C 157 -16.92 -11.85 5.95
C TRP C 157 -15.85 -12.19 4.92
N LEU C 158 -15.75 -11.41 3.86
CA LEU C 158 -14.73 -11.57 2.83
C LEU C 158 -13.59 -10.55 2.97
N ASP C 159 -13.90 -9.30 3.36
CA ASP C 159 -12.85 -8.29 3.41
C ASP C 159 -13.07 -7.22 4.49
N GLY C 160 -13.88 -7.53 5.50
CA GLY C 160 -14.13 -6.65 6.60
C GLY C 160 -13.32 -7.05 7.81
N GLY C 161 -13.82 -6.69 8.98
CA GLY C 161 -13.07 -6.84 10.22
C GLY C 161 -13.34 -8.11 11.00
N ILE C 162 -14.31 -8.91 10.56
CA ILE C 162 -14.65 -10.12 11.30
C ILE C 162 -13.53 -11.13 11.17
N ARG C 163 -13.27 -11.83 12.27
CA ARG C 163 -12.24 -12.85 12.33
C ARG C 163 -12.71 -13.97 13.24
N ILE C 164 -12.22 -15.17 12.98
CA ILE C 164 -12.52 -16.35 13.81
C ILE C 164 -11.37 -17.34 13.70
N SER C 165 -11.06 -18.00 14.80
CA SER C 165 -10.03 -19.02 14.85
C SER C 165 -10.65 -20.40 14.66
N ALA C 166 -9.80 -21.38 14.35
CA ALA C 166 -10.27 -22.76 14.25
C ALA C 166 -10.92 -23.22 15.55
N THR C 167 -10.33 -22.88 16.71
N THR C 167 -10.31 -22.89 16.70
CA THR C 167 -10.95 -23.32 17.94
CA THR C 167 -10.90 -23.27 17.96
C THR C 167 -12.28 -22.63 18.19
C THR C 167 -12.27 -22.63 18.15
N GLU C 168 -12.39 -21.34 17.81
CA GLU C 168 -13.68 -20.66 17.91
C GLU C 168 -14.70 -21.24 16.96
N GLN C 169 -14.29 -21.74 15.79
CA GLN C 169 -15.24 -22.42 14.92
C GLN C 169 -15.82 -23.64 15.61
N ILE C 170 -14.98 -24.44 16.27
CA ILE C 170 -15.45 -25.61 17.01
C ILE C 170 -16.45 -25.22 18.09
N SER C 171 -16.14 -24.17 18.86
N SER C 171 -16.13 -24.18 18.86
CA SER C 171 -17.06 -23.76 19.91
CA SER C 171 -17.03 -23.73 19.91
C SER C 171 -18.43 -23.41 19.36
C SER C 171 -18.41 -23.40 19.35
N PHE C 172 -18.44 -22.67 18.24
CA PHE C 172 -19.69 -22.29 17.59
C PHE C 172 -20.44 -23.51 17.08
N LEU C 173 -19.71 -24.41 16.41
CA LEU C 173 -20.34 -25.60 15.84
C LEU C 173 -20.93 -26.50 16.91
N ARG C 174 -20.26 -26.62 18.05
CA ARG C 174 -20.79 -27.45 19.12
C ARG C 174 -22.13 -26.92 19.60
N LYS C 175 -22.27 -25.59 19.72
CA LYS C 175 -23.55 -25.02 20.10
C LYS C 175 -24.62 -25.36 19.06
N LEU C 176 -24.27 -25.25 17.77
CA LEU C 176 -25.21 -25.58 16.70
C LEU C 176 -25.62 -27.04 16.76
N TYR C 177 -24.65 -27.92 16.94
CA TYR C 177 -24.96 -29.35 17.04
C TYR C 177 -26.00 -29.62 18.12
N HIS C 178 -25.86 -28.92 19.26
CA HIS C 178 -26.71 -29.15 20.43
C HIS C 178 -27.94 -28.25 20.47
N ASN C 179 -28.21 -27.51 19.38
CA ASN C 179 -29.36 -26.59 19.29
C ASN C 179 -29.31 -25.54 20.38
N LYS C 180 -28.12 -25.14 20.79
CA LYS C 180 -27.97 -24.22 21.90
C LYS C 180 -27.70 -22.78 21.46
N LEU C 181 -27.63 -22.50 20.15
CA LEU C 181 -27.53 -21.13 19.71
C LEU C 181 -28.86 -20.41 19.93
N HIS C 182 -28.79 -19.09 20.04
CA HIS C 182 -29.96 -18.27 20.35
C HIS C 182 -30.75 -17.94 19.08
N VAL C 183 -31.19 -19.01 18.43
CA VAL C 183 -32.19 -18.99 17.38
C VAL C 183 -33.05 -20.22 17.59
N SER C 184 -34.11 -20.35 16.79
CA SER C 184 -35.05 -21.44 17.04
C SER C 184 -34.40 -22.79 16.74
N GLU C 185 -34.97 -23.85 17.34
CA GLU C 185 -34.53 -25.18 17.02
C GLU C 185 -34.70 -25.44 15.53
N ARG C 186 -35.81 -24.98 14.95
CA ARG C 186 -36.05 -25.18 13.52
C ARG C 186 -34.94 -24.57 12.66
N SER C 187 -34.56 -23.32 12.95
CA SER C 187 -33.49 -22.70 12.18
C SER C 187 -32.21 -23.54 12.24
N GLN C 188 -31.89 -24.06 13.43
CA GLN C 188 -30.68 -24.84 13.57
C GLN C 188 -30.78 -26.16 12.84
N ARG C 189 -31.96 -26.81 12.89
CA ARG C 189 -32.13 -28.06 12.15
C ARG C 189 -31.99 -27.84 10.64
N ILE C 190 -32.55 -26.74 10.12
CA ILE C 190 -32.49 -26.49 8.68
C ILE C 190 -31.06 -26.25 8.24
N VAL C 191 -30.30 -25.48 9.01
CA VAL C 191 -28.91 -25.21 8.63
C VAL C 191 -28.07 -26.48 8.69
N LYS C 192 -28.29 -27.32 9.72
CA LYS C 192 -27.55 -28.58 9.77
C LYS C 192 -27.90 -29.49 8.60
N GLN C 193 -29.16 -29.48 8.15
CA GLN C 193 -29.50 -30.17 6.92
C GLN C 193 -28.71 -29.61 5.74
N ALA C 194 -28.67 -28.28 5.60
CA ALA C 194 -27.97 -27.66 4.48
C ALA C 194 -26.46 -27.90 4.54
N MET C 195 -25.89 -28.19 5.72
CA MET C 195 -24.47 -28.51 5.85
C MET C 195 -24.13 -29.94 5.45
N LEU C 196 -25.11 -30.76 5.14
CA LEU C 196 -24.84 -32.16 4.82
C LEU C 196 -23.90 -32.24 3.65
N THR C 197 -22.78 -32.91 3.83
CA THR C 197 -21.75 -33.01 2.82
C THR C 197 -21.51 -34.44 2.37
N GLU C 198 -21.48 -35.40 3.29
CA GLU C 198 -21.18 -36.77 2.92
C GLU C 198 -21.86 -37.69 3.93
N ALA C 199 -22.34 -38.81 3.45
CA ALA C 199 -22.93 -39.81 4.33
C ALA C 199 -22.76 -41.18 3.73
N ASN C 200 -22.43 -42.15 4.58
CA ASN C 200 -22.36 -43.52 4.17
C ASN C 200 -22.62 -44.37 5.41
N GLY C 201 -22.35 -45.67 5.29
CA GLY C 201 -22.63 -46.58 6.40
C GLY C 201 -21.70 -46.43 7.58
N ASP C 202 -20.64 -45.66 7.41
CA ASP C 202 -19.65 -45.49 8.47
C ASP C 202 -19.74 -44.13 9.16
N TYR C 203 -20.11 -43.06 8.46
CA TYR C 203 -20.11 -41.74 9.08
C TYR C 203 -20.99 -40.78 8.29
N ILE C 204 -21.33 -39.68 8.95
CA ILE C 204 -21.98 -38.52 8.33
C ILE C 204 -21.08 -37.32 8.54
N ILE C 205 -20.81 -36.54 7.48
CA ILE C 205 -20.11 -35.26 7.62
C ILE C 205 -21.06 -34.12 7.29
N ARG C 206 -21.20 -33.20 8.23
CA ARG C 206 -21.87 -31.92 8.05
C ARG C 206 -20.81 -30.84 8.18
N ALA C 207 -20.69 -29.98 7.16
CA ALA C 207 -19.52 -29.11 7.13
C ALA C 207 -19.75 -28.00 6.13
N LYS C 208 -18.82 -27.03 6.14
CA LYS C 208 -18.83 -25.92 5.19
C LYS C 208 -17.39 -25.56 4.84
N THR C 209 -17.11 -25.46 3.55
CA THR C 209 -15.82 -24.97 3.07
C THR C 209 -15.75 -23.45 3.07
N GLY C 210 -14.52 -22.94 3.06
CA GLY C 210 -14.30 -21.53 2.81
C GLY C 210 -12.99 -21.30 2.10
N TYR C 211 -12.92 -20.16 1.43
CA TYR C 211 -11.74 -19.79 0.66
C TYR C 211 -11.60 -18.27 0.76
N SER C 212 -10.60 -17.81 1.49
CA SER C 212 -10.38 -16.39 1.75
C SER C 212 -9.21 -15.91 0.90
N THR C 213 -9.49 -14.99 -0.04
CA THR C 213 -8.47 -14.44 -0.93
C THR C 213 -8.26 -12.94 -0.85
N ARG C 214 -9.17 -12.16 -0.26
CA ARG C 214 -9.10 -10.70 -0.40
C ARG C 214 -8.15 -10.04 0.57
N ILE C 215 -7.80 -10.74 1.64
CA ILE C 215 -6.88 -10.27 2.65
C ILE C 215 -5.84 -11.36 2.90
N GLU C 216 -4.57 -10.98 3.01
CA GLU C 216 -3.49 -11.94 3.23
C GLU C 216 -3.53 -12.40 4.69
N PRO C 217 -3.17 -13.66 4.93
CA PRO C 217 -2.77 -14.70 3.99
C PRO C 217 -3.96 -15.40 3.36
N LYS C 218 -3.88 -15.72 2.08
CA LYS C 218 -4.96 -16.49 1.45
C LYS C 218 -5.03 -17.88 2.07
N ILE C 219 -6.22 -18.31 2.48
CA ILE C 219 -6.38 -19.59 3.17
C ILE C 219 -7.63 -20.30 2.69
N GLY C 220 -7.61 -21.62 2.87
CA GLY C 220 -8.78 -22.46 2.73
C GLY C 220 -9.20 -22.93 4.11
N TRP C 221 -10.52 -23.03 4.29
CA TRP C 221 -11.15 -23.56 5.49
C TRP C 221 -11.95 -24.83 5.19
N TRP C 222 -12.04 -25.72 6.17
CA TRP C 222 -13.13 -26.70 6.21
C TRP C 222 -13.49 -26.89 7.67
N VAL C 223 -14.76 -26.62 8.03
CA VAL C 223 -15.23 -26.74 9.41
C VAL C 223 -16.52 -27.55 9.46
N GLY C 224 -16.69 -28.34 10.50
CA GLY C 224 -17.90 -29.12 10.62
C GLY C 224 -17.72 -30.21 11.66
N TRP C 225 -18.39 -31.33 11.42
CA TRP C 225 -18.23 -32.48 12.29
C TRP C 225 -18.50 -33.78 11.56
N VAL C 226 -18.06 -34.86 12.21
CA VAL C 226 -18.23 -36.23 11.78
C VAL C 226 -19.12 -36.91 12.82
N GLU C 227 -20.28 -37.38 12.40
CA GLU C 227 -21.19 -38.13 13.25
C GLU C 227 -20.87 -39.62 13.09
N LEU C 228 -20.63 -40.28 14.23
CA LEU C 228 -20.49 -41.72 14.30
C LEU C 228 -21.69 -42.29 15.05
N ASP C 229 -21.78 -43.62 15.09
CA ASP C 229 -22.88 -44.26 15.82
C ASP C 229 -22.95 -43.80 17.27
N ASP C 230 -21.81 -43.63 17.93
CA ASP C 230 -21.84 -43.36 19.37
C ASP C 230 -20.91 -42.23 19.80
N ASN C 231 -20.57 -41.32 18.89
CA ASN C 231 -19.74 -40.16 19.21
C ASN C 231 -19.87 -39.17 18.06
N VAL C 232 -19.43 -37.95 18.30
N VAL C 232 -19.42 -37.95 18.32
CA VAL C 232 -19.29 -36.94 17.25
CA VAL C 232 -19.30 -36.90 17.31
C VAL C 232 -17.94 -36.29 17.42
C VAL C 232 -17.90 -36.32 17.43
N TRP C 233 -17.22 -36.14 16.31
CA TRP C 233 -15.94 -35.47 16.27
C TRP C 233 -16.11 -34.16 15.52
N PHE C 234 -15.91 -33.04 16.22
CA PHE C 234 -15.90 -31.74 15.56
C PHE C 234 -14.53 -31.46 14.96
N PHE C 235 -14.51 -30.76 13.82
CA PHE C 235 -13.24 -30.41 13.21
C PHE C 235 -13.28 -29.02 12.64
N ALA C 236 -12.11 -28.37 12.65
CA ALA C 236 -11.95 -27.10 11.97
C ALA C 236 -10.52 -27.07 11.47
N MET C 237 -10.35 -26.80 10.17
CA MET C 237 -9.01 -26.75 9.60
C MET C 237 -8.89 -25.49 8.78
N ASN C 238 -7.68 -24.93 8.75
CA ASN C 238 -7.39 -23.96 7.71
C ASN C 238 -5.97 -24.18 7.24
N MET C 239 -5.70 -23.71 6.01
CA MET C 239 -4.42 -23.98 5.39
C MET C 239 -4.11 -22.88 4.40
N ASP C 240 -2.82 -22.67 4.16
CA ASP C 240 -2.38 -21.70 3.17
C ASP C 240 -2.86 -22.12 1.79
N MET C 241 -3.33 -21.16 1.00
CA MET C 241 -3.98 -21.43 -0.28
C MET C 241 -3.57 -20.38 -1.29
N PRO C 242 -2.31 -20.40 -1.74
CA PRO C 242 -1.86 -19.35 -2.66
C PRO C 242 -2.58 -19.34 -3.98
N THR C 243 -3.13 -20.47 -4.44
CA THR C 243 -3.97 -20.49 -5.62
C THR C 243 -5.13 -21.47 -5.41
N SER C 244 -6.13 -21.36 -6.28
CA SER C 244 -7.27 -22.24 -6.17
C SER C 244 -6.92 -23.68 -6.52
N ASP C 245 -5.72 -23.94 -7.04
CA ASP C 245 -5.38 -25.29 -7.46
C ASP C 245 -5.38 -26.25 -6.29
N GLY C 246 -5.11 -25.77 -5.07
CA GLY C 246 -5.05 -26.62 -3.90
C GLY C 246 -6.34 -26.81 -3.12
N LEU C 247 -7.50 -26.39 -3.62
CA LEU C 247 -8.68 -26.34 -2.76
C LEU C 247 -9.11 -27.72 -2.31
N GLY C 248 -8.89 -28.75 -3.15
CA GLY C 248 -9.26 -30.10 -2.77
C GLY C 248 -8.49 -30.63 -1.59
N LEU C 249 -7.37 -30.00 -1.26
CA LEU C 249 -6.59 -30.43 -0.12
C LEU C 249 -7.27 -30.14 1.21
N ARG C 250 -8.20 -29.18 1.26
CA ARG C 250 -8.91 -28.92 2.50
C ARG C 250 -9.56 -30.21 3.02
N GLN C 251 -10.33 -30.87 2.17
CA GLN C 251 -10.96 -32.10 2.59
C GLN C 251 -9.97 -33.24 2.64
N ALA C 252 -9.02 -33.30 1.70
CA ALA C 252 -8.16 -34.46 1.62
C ALA C 252 -7.26 -34.53 2.85
N ILE C 253 -6.69 -33.40 3.23
CA ILE C 253 -5.82 -33.41 4.40
C ILE C 253 -6.61 -33.74 5.66
N THR C 254 -7.80 -33.14 5.81
CA THR C 254 -8.63 -33.43 6.97
C THR C 254 -8.96 -34.91 7.06
N LYS C 255 -9.35 -35.51 5.93
CA LYS C 255 -9.65 -36.92 5.95
C LYS C 255 -8.44 -37.77 6.28
N GLU C 256 -7.25 -37.36 5.84
CA GLU C 256 -6.05 -38.13 6.21
C GLU C 256 -5.82 -38.07 7.72
N VAL C 257 -6.11 -36.95 8.36
CA VAL C 257 -5.99 -36.88 9.81
C VAL C 257 -7.05 -37.76 10.46
N LEU C 258 -8.30 -37.66 9.98
CA LEU C 258 -9.36 -38.49 10.54
C LEU C 258 -9.02 -39.97 10.40
N LYS C 259 -8.44 -40.36 9.27
CA LYS C 259 -8.04 -41.75 9.07
C LYS C 259 -6.92 -42.13 10.03
N GLN C 260 -5.90 -41.27 10.16
CA GLN C 260 -4.78 -41.57 11.03
C GLN C 260 -5.25 -41.83 12.46
N GLU C 261 -6.23 -41.05 12.92
CA GLU C 261 -6.75 -41.16 14.26
C GLU C 261 -7.85 -42.19 14.37
N LYS C 262 -8.10 -42.96 13.31
CA LYS C 262 -9.06 -44.07 13.34
C LYS C 262 -10.48 -43.61 13.59
N ILE C 263 -10.80 -42.38 13.21
CA ILE C 263 -12.16 -41.87 13.33
C ILE C 263 -13.02 -42.35 12.16
N ILE C 264 -12.43 -42.43 10.97
CA ILE C 264 -13.11 -42.95 9.80
C ILE C 264 -12.20 -44.03 9.22
N PRO C 265 -12.76 -45.03 8.52
CA PRO C 265 -11.91 -46.09 7.97
C PRO C 265 -11.00 -45.60 6.85
N LYS D 23 29.96 17.60 5.97
CA LYS D 23 28.66 16.98 6.11
C LYS D 23 27.71 17.43 5.02
N GLU D 24 27.63 18.75 4.77
CA GLU D 24 26.61 19.23 3.83
C GLU D 24 27.03 19.08 2.37
N TRP D 25 28.32 19.20 2.07
CA TRP D 25 28.81 19.02 0.70
C TRP D 25 30.00 18.08 0.70
N GLN D 26 29.93 17.09 -0.17
CA GLN D 26 30.95 16.07 -0.33
C GLN D 26 31.46 16.11 -1.76
N GLU D 27 32.77 16.04 -1.92
CA GLU D 27 33.38 16.06 -3.24
C GLU D 27 33.71 14.62 -3.63
N ASN D 28 33.32 14.24 -4.83
CA ASN D 28 33.60 12.90 -5.36
C ASN D 28 34.38 13.08 -6.66
N LYS D 29 35.71 13.06 -6.55
CA LYS D 29 36.53 13.24 -7.73
C LYS D 29 36.46 12.06 -8.69
N SER D 30 35.93 10.91 -8.25
CA SER D 30 35.81 9.79 -9.19
C SER D 30 34.93 10.15 -10.37
N TRP D 31 34.01 11.11 -10.19
CA TRP D 31 33.16 11.51 -11.31
C TRP D 31 33.96 12.22 -12.41
N ASN D 32 35.16 12.70 -12.11
CA ASN D 32 35.96 13.32 -13.14
C ASN D 32 36.25 12.35 -14.29
N ALA D 33 36.19 11.05 -14.04
CA ALA D 33 36.45 10.09 -15.10
C ALA D 33 35.42 10.20 -16.22
N HIS D 34 34.20 10.62 -15.88
CA HIS D 34 33.16 10.78 -16.89
C HIS D 34 33.41 11.99 -17.77
N PHE D 35 34.14 13.00 -17.29
CA PHE D 35 34.57 14.12 -18.11
C PHE D 35 35.84 13.81 -18.89
N THR D 36 36.86 13.23 -18.23
CA THR D 36 38.11 12.99 -18.95
C THR D 36 37.94 11.90 -20.00
N GLU D 37 36.94 11.04 -19.83
CA GLU D 37 36.51 10.09 -20.85
C GLU D 37 36.46 10.73 -22.22
N HIS D 38 35.90 11.95 -22.27
CA HIS D 38 35.67 12.70 -23.49
C HIS D 38 36.64 13.86 -23.66
N LYS D 39 37.76 13.85 -22.92
CA LYS D 39 38.69 14.97 -22.95
C LYS D 39 37.95 16.29 -22.74
N SER D 40 37.04 16.30 -21.77
CA SER D 40 36.22 17.45 -21.45
C SER D 40 36.42 17.87 -20.00
N GLN D 41 35.87 19.03 -19.66
CA GLN D 41 35.98 19.59 -18.31
C GLN D 41 34.66 20.21 -17.88
N GLY D 42 34.29 19.98 -16.63
CA GLY D 42 33.09 20.58 -16.11
C GLY D 42 32.77 20.09 -14.73
N VAL D 43 31.53 20.38 -14.31
CA VAL D 43 31.06 20.06 -12.98
C VAL D 43 29.65 19.48 -13.06
N VAL D 44 29.39 18.47 -12.24
CA VAL D 44 28.05 17.99 -11.93
C VAL D 44 27.82 18.22 -10.46
N VAL D 45 26.69 18.84 -10.14
CA VAL D 45 26.25 19.05 -8.77
C VAL D 45 24.93 18.32 -8.56
N LEU D 46 24.85 17.53 -7.50
CA LEU D 46 23.64 16.83 -7.08
C LEU D 46 23.24 17.23 -5.67
N TRP D 47 21.94 17.25 -5.44
CA TRP D 47 21.38 17.53 -4.11
C TRP D 47 20.32 16.48 -3.82
N ASN D 48 20.54 15.73 -2.75
CA ASN D 48 19.60 14.75 -2.23
C ASN D 48 18.60 15.50 -1.34
N GLU D 49 17.36 15.65 -1.80
CA GLU D 49 16.40 16.46 -1.06
C GLU D 49 16.05 15.83 0.30
N ASN D 50 15.84 14.51 0.33
CA ASN D 50 15.50 13.86 1.60
C ASN D 50 16.60 14.08 2.64
N LYS D 51 17.85 13.92 2.24
CA LYS D 51 18.94 13.93 3.20
C LYS D 51 19.55 15.31 3.36
N GLN D 52 19.15 16.26 2.53
CA GLN D 52 19.69 17.62 2.59
C GLN D 52 21.21 17.58 2.51
N GLN D 53 21.70 16.86 1.52
CA GLN D 53 23.13 16.64 1.33
C GLN D 53 23.46 16.82 -0.14
N GLY D 54 24.55 17.53 -0.41
CA GLY D 54 25.00 17.74 -1.76
C GLY D 54 26.29 17.01 -2.09
N PHE D 55 26.48 16.77 -3.39
CA PHE D 55 27.59 15.98 -3.92
C PHE D 55 28.07 16.62 -5.22
N THR D 56 29.38 16.71 -5.41
CA THR D 56 29.91 17.29 -6.65
C THR D 56 31.31 16.76 -6.90
N ASN D 57 31.72 16.78 -8.17
CA ASN D 57 33.09 16.44 -8.49
C ASN D 57 34.07 17.59 -8.26
N ASN D 58 33.58 18.81 -8.10
CA ASN D 58 34.46 19.98 -8.03
C ASN D 58 33.73 21.06 -7.24
N LEU D 59 34.06 21.16 -5.96
CA LEU D 59 33.37 22.10 -5.08
C LEU D 59 33.55 23.52 -5.55
N LYS D 60 34.75 23.86 -6.02
CA LYS D 60 35.02 25.22 -6.49
C LYS D 60 34.17 25.56 -7.72
N ARG D 61 34.23 24.71 -8.74
CA ARG D 61 33.49 25.04 -9.95
C ARG D 61 31.98 24.96 -9.73
N ALA D 62 31.53 24.13 -8.79
CA ALA D 62 30.12 24.10 -8.42
C ALA D 62 29.62 25.48 -8.02
N ASN D 63 30.52 26.33 -7.51
CA ASN D 63 30.15 27.67 -7.07
C ASN D 63 30.60 28.76 -8.05
N GLN D 64 31.15 28.40 -9.20
CA GLN D 64 31.58 29.40 -10.18
C GLN D 64 30.37 29.88 -10.98
N ALA D 65 30.22 31.20 -11.10
CA ALA D 65 29.02 31.75 -11.72
C ALA D 65 29.26 32.09 -13.18
N PHE D 66 28.34 31.66 -14.04
CA PHE D 66 28.40 31.84 -15.48
C PHE D 66 27.11 32.48 -15.98
N LEU D 67 27.15 32.96 -17.22
CA LEU D 67 25.90 33.30 -17.90
C LEU D 67 24.96 32.10 -17.89
N PRO D 68 23.67 32.30 -17.59
CA PRO D 68 22.73 31.17 -17.59
C PRO D 68 22.34 30.69 -18.98
N ALA D 69 22.45 31.56 -19.98
CA ALA D 69 21.99 31.30 -21.33
C ALA D 69 20.58 30.74 -21.26
N SER D 70 20.25 29.72 -22.04
CA SER D 70 18.84 29.33 -22.11
C SER D 70 18.30 28.66 -20.84
N THR D 71 19.12 28.35 -19.81
CA THR D 71 18.51 27.97 -18.55
C THR D 71 17.72 29.12 -17.95
N PHE D 72 17.95 30.35 -18.42
CA PHE D 72 17.17 31.50 -18.00
C PHE D 72 15.73 31.40 -18.46
N KCX D 73 15.45 30.48 -19.38
CA KCX D 73 14.06 30.34 -19.80
CB KCX D 73 13.94 29.41 -21.01
CG KCX D 73 14.47 30.09 -22.29
CD KCX D 73 14.26 29.24 -23.58
CE KCX D 73 14.67 30.09 -24.83
NZ KCX D 73 16.17 30.31 -24.84
C KCX D 73 13.16 29.87 -18.63
O KCX D 73 11.94 30.10 -18.66
CX KCX D 73 16.68 31.48 -24.44
OQ1 KCX D 73 15.92 32.41 -24.12
OQ2 KCX D 73 17.92 31.60 -24.42
N ILE D 74 13.71 29.24 -17.60
CA ILE D 74 12.89 28.87 -16.46
C ILE D 74 12.38 30.14 -15.74
N PRO D 75 13.23 31.01 -15.21
CA PRO D 75 12.66 32.22 -14.56
C PRO D 75 11.91 33.14 -15.53
N ASN D 76 12.38 33.27 -16.77
CA ASN D 76 11.68 34.10 -17.76
C ASN D 76 10.25 33.59 -17.96
N SER D 77 10.08 32.28 -18.05
CA SER D 77 8.74 31.72 -18.18
C SER D 77 7.87 32.07 -16.97
N LEU D 78 8.43 31.90 -15.76
CA LEU D 78 7.69 32.16 -14.55
C LEU D 78 7.18 33.58 -14.52
N ILE D 79 8.06 34.52 -14.86
CA ILE D 79 7.74 35.93 -14.81
C ILE D 79 6.70 36.27 -15.87
N ALA D 80 6.89 35.75 -17.07
CA ALA D 80 5.95 36.04 -18.16
C ALA D 80 4.56 35.52 -17.80
N LEU D 81 4.48 34.35 -17.22
CA LEU D 81 3.19 33.80 -16.83
C LEU D 81 2.59 34.61 -15.70
N ASP D 82 3.38 34.93 -14.69
CA ASP D 82 2.79 35.58 -13.54
C ASP D 82 2.28 36.98 -13.86
N LEU D 83 2.91 37.67 -14.82
CA LEU D 83 2.50 39.00 -15.22
C LEU D 83 1.44 39.00 -16.31
N GLY D 84 1.08 37.82 -16.81
CA GLY D 84 0.10 37.71 -17.87
C GLY D 84 0.60 38.00 -19.25
N VAL D 85 1.92 38.13 -19.44
CA VAL D 85 2.50 38.23 -20.77
C VAL D 85 2.20 36.97 -21.57
N VAL D 86 2.24 35.83 -20.89
CA VAL D 86 1.79 34.54 -21.43
C VAL D 86 0.53 34.15 -20.67
N LYS D 87 -0.54 33.87 -21.40
CA LYS D 87 -1.82 33.51 -20.77
C LYS D 87 -1.77 32.10 -20.20
N ASP D 88 -1.26 31.15 -20.96
CA ASP D 88 -1.20 29.75 -20.54
C ASP D 88 -0.26 29.04 -21.50
N GLU D 89 -0.12 27.72 -21.29
CA GLU D 89 0.82 26.92 -22.04
C GLU D 89 0.36 26.61 -23.45
N HIS D 90 -0.84 27.05 -23.83
CA HIS D 90 -1.40 26.84 -25.16
C HIS D 90 -1.32 28.04 -26.07
N GLN D 91 -1.13 29.23 -25.52
CA GLN D 91 -1.06 30.45 -26.32
C GLN D 91 0.02 30.29 -27.39
N VAL D 92 -0.34 30.61 -28.62
CA VAL D 92 0.59 30.49 -29.73
C VAL D 92 1.32 31.80 -29.96
N PHE D 93 2.65 31.72 -30.04
CA PHE D 93 3.51 32.84 -30.42
C PHE D 93 3.93 32.61 -31.86
N LYS D 94 3.38 33.42 -32.76
CA LYS D 94 3.58 33.17 -34.18
C LYS D 94 5.01 33.48 -34.60
N TRP D 95 5.53 32.65 -35.48
CA TRP D 95 6.80 32.94 -36.12
C TRP D 95 6.74 34.34 -36.73
N ASP D 96 7.80 35.13 -36.51
CA ASP D 96 7.85 36.49 -37.06
C ASP D 96 8.28 36.54 -38.52
N GLY D 97 8.50 35.39 -39.16
CA GLY D 97 8.84 35.36 -40.57
C GLY D 97 10.30 35.51 -40.89
N GLN D 98 11.15 35.78 -39.90
CA GLN D 98 12.58 35.89 -40.14
C GLN D 98 13.20 34.49 -40.05
N THR D 99 13.89 34.08 -41.11
CA THR D 99 14.50 32.77 -41.14
C THR D 99 15.81 32.79 -40.36
N ARG D 100 15.88 32.00 -39.31
CA ARG D 100 17.05 31.91 -38.47
C ARG D 100 17.74 30.57 -38.68
N ASP D 101 18.95 30.44 -38.14
CA ASP D 101 19.80 29.30 -38.46
C ASP D 101 19.35 28.00 -37.80
N ILE D 102 18.45 28.06 -36.84
CA ILE D 102 17.94 26.86 -36.18
C ILE D 102 16.54 26.62 -36.74
N ALA D 103 16.41 25.57 -37.56
CA ALA D 103 15.18 25.32 -38.29
C ALA D 103 13.96 25.24 -37.36
N THR D 104 14.10 24.63 -36.19
CA THR D 104 12.92 24.51 -35.33
C THR D 104 12.42 25.86 -34.81
N TRP D 105 13.22 26.92 -34.93
CA TRP D 105 12.74 28.25 -34.53
C TRP D 105 11.84 28.89 -35.57
N ASN D 106 11.82 28.38 -36.80
CA ASN D 106 11.16 29.06 -37.91
C ASN D 106 9.72 28.58 -38.05
N ARG D 107 8.99 28.61 -36.93
CA ARG D 107 7.63 28.06 -36.88
C ARG D 107 6.93 28.66 -35.66
N ASP D 108 5.60 28.47 -35.62
CA ASP D 108 4.80 28.86 -34.46
C ASP D 108 5.13 27.97 -33.26
N HIS D 109 5.03 28.56 -32.06
CA HIS D 109 5.37 27.86 -30.82
C HIS D 109 4.37 28.22 -29.74
N ASN D 110 4.25 27.34 -28.75
CA ASN D 110 3.64 27.68 -27.49
C ASN D 110 4.71 27.55 -26.42
N LEU D 111 4.33 27.76 -25.16
CA LEU D 111 5.35 27.77 -24.09
C LEU D 111 6.07 26.43 -24.03
N ILE D 112 5.34 25.34 -24.24
CA ILE D 112 5.93 24.00 -24.14
C ILE D 112 6.96 23.79 -25.24
N THR D 113 6.59 24.06 -26.49
CA THR D 113 7.53 23.81 -27.58
C THR D 113 8.64 24.86 -27.59
N ALA D 114 8.35 26.07 -27.12
CA ALA D 114 9.40 27.10 -27.07
C ALA D 114 10.49 26.72 -26.06
N MET D 115 10.10 26.10 -24.94
N MET D 115 10.09 26.16 -24.91
CA MET D 115 11.11 25.62 -24.00
CA MET D 115 11.04 25.57 -23.97
C MET D 115 11.81 24.37 -24.54
C MET D 115 11.80 24.41 -24.61
N LYS D 116 11.07 23.45 -25.16
CA LYS D 116 11.68 22.24 -25.73
C LYS D 116 12.77 22.55 -26.75
N TYR D 117 12.52 23.51 -27.64
CA TYR D 117 13.45 23.85 -28.71
C TYR D 117 14.30 25.08 -28.40
N SER D 118 14.29 25.56 -27.14
N SER D 118 14.21 25.58 -27.16
CA SER D 118 15.07 26.72 -26.70
CA SER D 118 15.02 26.69 -26.69
C SER D 118 14.92 27.88 -27.67
C SER D 118 14.92 27.86 -27.65
N VAL D 119 13.68 28.27 -27.94
CA VAL D 119 13.41 29.25 -28.98
C VAL D 119 13.64 30.67 -28.48
N VAL D 120 14.90 31.10 -28.58
CA VAL D 120 15.32 32.43 -28.11
C VAL D 120 14.38 33.55 -28.56
N PRO D 121 14.02 33.67 -29.84
CA PRO D 121 13.27 34.87 -30.24
C PRO D 121 11.92 34.98 -29.56
N VAL D 122 11.30 33.86 -29.20
CA VAL D 122 10.04 33.91 -28.47
C VAL D 122 10.25 34.51 -27.09
N TYR D 123 11.32 34.07 -26.40
CA TYR D 123 11.60 34.58 -25.06
C TYR D 123 12.13 36.01 -25.08
N GLN D 124 12.74 36.44 -26.19
CA GLN D 124 13.14 37.84 -26.30
C GLN D 124 11.90 38.75 -26.34
N GLU D 125 10.83 38.31 -27.01
CA GLU D 125 9.58 39.05 -26.99
C GLU D 125 8.99 39.10 -25.58
N PHE D 126 8.96 37.96 -24.88
CA PHE D 126 8.54 37.97 -23.49
C PHE D 126 9.30 39.04 -22.71
N ALA D 127 10.62 39.03 -22.83
CA ALA D 127 11.46 39.91 -22.01
C ALA D 127 11.15 41.38 -22.30
N ARG D 128 10.97 41.72 -23.58
CA ARG D 128 10.62 43.10 -23.92
C ARG D 128 9.29 43.49 -23.29
N GLN D 129 8.33 42.57 -23.27
CA GLN D 129 7.01 42.88 -22.69
C GLN D 129 7.08 42.95 -21.18
N ILE D 130 7.89 42.11 -20.56
CA ILE D 130 8.13 42.20 -19.12
C ILE D 130 8.74 43.56 -18.78
N GLY D 131 9.80 43.94 -19.51
CA GLY D 131 10.49 45.20 -19.28
C GLY D 131 11.53 45.13 -18.18
N GLU D 132 12.47 46.09 -18.22
CA GLU D 132 13.64 46.05 -17.33
C GLU D 132 13.24 46.10 -15.87
N ALA D 133 12.33 47.01 -15.51
CA ALA D 133 12.03 47.20 -14.10
C ALA D 133 11.45 45.94 -13.49
N ARG D 134 10.43 45.36 -14.14
CA ARG D 134 9.79 44.18 -13.56
C ARG D 134 10.74 42.99 -13.57
N MET D 135 11.57 42.88 -14.61
CA MET D 135 12.50 41.77 -14.69
C MET D 135 13.50 41.82 -13.55
N SER D 136 14.05 43.01 -13.31
CA SER D 136 15.00 43.19 -12.23
C SER D 136 14.36 42.88 -10.88
N LYS D 137 13.17 43.42 -10.63
CA LYS D 137 12.51 43.21 -9.35
C LYS D 137 12.24 41.74 -9.12
N MET D 138 11.81 41.01 -10.16
N MET D 138 11.78 41.03 -10.16
CA MET D 138 11.45 39.61 -9.96
CA MET D 138 11.45 39.61 -10.03
C MET D 138 12.67 38.73 -9.78
C MET D 138 12.69 38.78 -9.74
N LEU D 139 13.79 39.05 -10.42
CA LEU D 139 14.99 38.26 -10.17
C LEU D 139 15.50 38.51 -8.77
N HIS D 140 15.34 39.73 -8.25
CA HIS D 140 15.66 39.96 -6.84
C HIS D 140 14.76 39.14 -5.94
N ALA D 141 13.47 39.14 -6.23
CA ALA D 141 12.53 38.37 -5.42
C ALA D 141 12.85 36.89 -5.45
N PHE D 142 13.35 36.40 -6.59
CA PHE D 142 13.75 35.00 -6.74
C PHE D 142 15.10 34.70 -6.12
N ASP D 143 15.84 35.71 -5.66
CA ASP D 143 17.21 35.55 -5.16
C ASP D 143 18.10 34.89 -6.22
N TYR D 144 17.90 35.26 -7.49
CA TYR D 144 18.48 34.51 -8.61
C TYR D 144 19.87 35.01 -8.97
N GLY D 145 20.88 34.16 -8.75
CA GLY D 145 22.25 34.46 -9.12
C GLY D 145 22.71 35.79 -8.58
N ASN D 146 23.34 36.58 -9.44
CA ASN D 146 23.81 37.89 -8.99
C ASN D 146 22.76 38.99 -9.20
N GLU D 147 21.57 38.63 -9.69
CA GLU D 147 20.40 39.52 -9.77
C GLU D 147 20.62 40.71 -10.70
N ASP D 148 21.64 40.65 -11.57
CA ASP D 148 22.11 41.78 -12.38
C ASP D 148 21.66 41.58 -13.83
N ILE D 149 20.73 42.41 -14.30
CA ILE D 149 20.24 42.27 -15.67
C ILE D 149 20.92 43.24 -16.63
N SER D 150 22.06 43.82 -16.24
CA SER D 150 22.74 44.80 -17.08
C SER D 150 22.90 44.29 -18.50
N GLY D 151 22.59 45.15 -19.46
CA GLY D 151 22.63 44.79 -20.85
C GLY D 151 21.28 44.99 -21.51
N ASN D 152 21.09 44.35 -22.65
CA ASN D 152 19.82 44.49 -23.34
C ASN D 152 18.77 43.69 -22.59
N VAL D 153 17.58 44.26 -22.44
CA VAL D 153 16.53 43.57 -21.70
C VAL D 153 16.18 42.24 -22.36
N ASP D 154 16.41 42.12 -23.68
CA ASP D 154 16.12 40.89 -24.42
C ASP D 154 17.37 40.11 -24.81
N SER D 155 18.51 40.33 -24.12
CA SER D 155 19.63 39.42 -24.32
C SER D 155 20.57 39.29 -23.14
N PHE D 156 20.27 39.89 -21.99
CA PHE D 156 21.25 39.94 -20.90
C PHE D 156 21.61 38.55 -20.39
N TRP D 157 20.72 37.55 -20.55
CA TRP D 157 21.04 36.20 -20.12
C TRP D 157 21.96 35.48 -21.10
N LEU D 158 22.19 36.06 -22.27
CA LEU D 158 23.11 35.53 -23.28
C LEU D 158 24.41 36.32 -23.37
N ASP D 159 24.37 37.64 -23.12
CA ASP D 159 25.57 38.45 -23.29
C ASP D 159 25.57 39.68 -22.40
N GLY D 160 24.81 39.69 -21.32
CA GLY D 160 24.81 40.80 -20.40
C GLY D 160 25.48 40.44 -19.10
N GLY D 161 25.00 41.02 -18.01
CA GLY D 161 25.71 40.98 -16.75
C GLY D 161 25.29 39.92 -15.77
N ILE D 162 24.26 39.14 -16.07
CA ILE D 162 23.71 38.19 -15.10
C ILE D 162 24.60 36.97 -15.01
N ARG D 163 24.84 36.47 -13.80
CA ARG D 163 25.69 35.31 -13.60
C ARG D 163 25.05 34.44 -12.52
N ILE D 164 25.16 33.12 -12.68
CA ILE D 164 24.61 32.19 -11.70
C ILE D 164 25.48 30.94 -11.68
N SER D 165 25.69 30.37 -10.49
CA SER D 165 26.48 29.15 -10.35
C SER D 165 25.59 27.92 -10.32
N ALA D 166 26.21 26.75 -10.46
CA ALA D 166 25.44 25.51 -10.39
C ALA D 166 24.73 25.36 -9.04
N THR D 167 25.39 25.73 -7.93
CA THR D 167 24.71 25.57 -6.65
C THR D 167 23.57 26.56 -6.50
N GLU D 168 23.73 27.76 -7.08
CA GLU D 168 22.64 28.74 -7.08
C GLU D 168 21.48 28.27 -7.94
N GLN D 169 21.78 27.57 -9.04
CA GLN D 169 20.70 27.02 -9.85
C GLN D 169 19.91 26.02 -9.03
N ILE D 170 20.60 25.19 -8.26
CA ILE D 170 19.89 24.22 -7.41
C ILE D 170 19.04 24.93 -6.37
N SER D 171 19.56 25.97 -5.74
CA SER D 171 18.77 26.69 -4.72
C SER D 171 17.47 27.22 -5.32
N PHE D 172 17.57 27.79 -6.52
CA PHE D 172 16.40 28.31 -7.23
C PHE D 172 15.44 27.20 -7.60
N LEU D 173 15.96 26.09 -8.15
CA LEU D 173 15.10 24.98 -8.54
C LEU D 173 14.36 24.37 -7.34
N ARG D 174 15.01 24.30 -6.18
CA ARG D 174 14.34 23.75 -5.01
C ARG D 174 13.14 24.59 -4.63
N LYS D 175 13.27 25.92 -4.74
CA LYS D 175 12.14 26.79 -4.45
C LYS D 175 11.01 26.51 -5.43
N LEU D 176 11.35 26.39 -6.70
CA LEU D 176 10.35 26.09 -7.73
C LEU D 176 9.67 24.76 -7.46
N TYR D 177 10.46 23.73 -7.13
CA TYR D 177 9.89 22.41 -6.87
C TYR D 177 8.84 22.50 -5.76
N HIS D 178 9.12 23.26 -4.72
CA HIS D 178 8.25 23.40 -3.55
C HIS D 178 7.22 24.52 -3.67
N ASN D 179 7.06 25.12 -4.84
CA ASN D 179 6.14 26.24 -5.07
C ASN D 179 6.39 27.40 -4.12
N LYS D 180 7.67 27.61 -3.77
CA LYS D 180 8.04 28.62 -2.80
C LYS D 180 8.54 29.92 -3.42
N LEU D 181 8.67 29.99 -4.74
CA LEU D 181 9.02 31.26 -5.38
C LEU D 181 7.84 32.22 -5.26
N HIS D 182 8.15 33.51 -5.35
CA HIS D 182 7.15 34.54 -5.12
C HIS D 182 6.45 34.89 -6.42
N VAL D 183 5.85 33.85 -6.99
CA VAL D 183 4.87 33.95 -8.07
C VAL D 183 3.77 32.95 -7.72
N SER D 184 2.69 32.95 -8.51
CA SER D 184 1.56 32.13 -8.11
C SER D 184 1.93 30.65 -8.20
N GLU D 185 1.19 29.83 -7.44
CA GLU D 185 1.34 28.39 -7.58
C GLU D 185 1.09 27.96 -9.03
N ARG D 186 0.09 28.58 -9.68
CA ARG D 186 -0.24 28.20 -11.04
C ARG D 186 0.95 28.41 -11.97
N SER D 187 1.59 29.57 -11.87
CA SER D 187 2.73 29.84 -12.72
C SER D 187 3.81 28.80 -12.52
N GLN D 188 4.08 28.43 -11.27
CA GLN D 188 5.11 27.45 -10.99
C GLN D 188 4.72 26.09 -11.55
N ARG D 189 3.47 25.69 -11.38
CA ARG D 189 3.04 24.41 -11.97
C ARG D 189 3.18 24.40 -13.50
N ILE D 190 2.81 25.48 -14.18
CA ILE D 190 2.91 25.49 -15.64
C ILE D 190 4.37 25.38 -16.08
N VAL D 191 5.29 26.11 -15.41
CA VAL D 191 6.69 26.03 -15.81
C VAL D 191 7.26 24.64 -15.56
N LYS D 192 6.91 24.01 -14.43
CA LYS D 192 7.37 22.63 -14.20
C LYS D 192 6.81 21.66 -15.24
N GLN D 193 5.57 21.87 -15.70
CA GLN D 193 5.06 21.09 -16.83
C GLN D 193 5.91 21.30 -18.08
N ALA D 194 6.21 22.56 -18.41
CA ALA D 194 7.01 22.87 -19.58
C ALA D 194 8.44 22.36 -19.46
N MET D 195 8.94 22.16 -18.27
CA MET D 195 10.27 21.60 -18.07
C MET D 195 10.32 20.08 -18.28
N LEU D 196 9.19 19.42 -18.43
CA LEU D 196 9.22 17.96 -18.55
C LEU D 196 10.09 17.54 -19.72
N THR D 197 11.07 16.71 -19.43
CA THR D 197 12.05 16.26 -20.41
C THR D 197 12.00 14.78 -20.69
N GLU D 198 11.88 13.94 -19.65
CA GLU D 198 11.86 12.50 -19.84
C GLU D 198 11.04 11.90 -18.70
N ALA D 199 10.28 10.86 -19.01
CA ALA D 199 9.59 10.12 -17.97
C ALA D 199 9.46 8.67 -18.39
N ASN D 200 9.68 7.79 -17.43
CA ASN D 200 9.42 6.38 -17.63
C ASN D 200 9.01 5.78 -16.28
N GLY D 201 8.99 4.45 -16.20
CA GLY D 201 8.57 3.82 -14.98
C GLY D 201 9.57 3.94 -13.85
N ASP D 202 10.76 4.44 -14.14
CA ASP D 202 11.82 4.54 -13.15
C ASP D 202 12.03 5.96 -12.64
N TYR D 203 11.82 6.98 -13.47
CA TYR D 203 12.07 8.33 -13.03
C TYR D 203 11.40 9.32 -13.97
N ILE D 204 11.29 10.55 -13.47
CA ILE D 204 10.85 11.72 -14.24
C ILE D 204 11.97 12.74 -14.16
N ILE D 205 12.37 13.31 -15.31
CA ILE D 205 13.33 14.42 -15.31
C ILE D 205 12.60 15.65 -15.79
N ARG D 206 12.67 16.73 -15.00
CA ARG D 206 12.25 18.06 -15.41
C ARG D 206 13.50 18.92 -15.41
N ALA D 207 13.78 19.57 -16.54
CA ALA D 207 15.09 20.19 -16.69
C ALA D 207 15.06 21.21 -17.81
N LYS D 208 16.16 21.96 -17.91
CA LYS D 208 16.37 22.88 -19.03
C LYS D 208 17.85 22.91 -19.43
N THR D 209 18.09 22.78 -20.74
CA THR D 209 19.44 22.92 -21.27
C THR D 209 19.81 24.38 -21.48
N GLY D 210 21.11 24.62 -21.55
CA GLY D 210 21.61 25.92 -21.98
C GLY D 210 22.91 25.79 -22.72
N TYR D 211 23.20 26.80 -23.53
CA TYR D 211 24.41 26.84 -24.34
C TYR D 211 24.82 28.30 -24.44
N SER D 212 25.90 28.67 -23.75
CA SER D 212 26.40 30.05 -23.73
C SER D 212 27.54 30.19 -24.75
N THR D 213 27.30 30.96 -25.81
CA THR D 213 28.29 31.11 -26.86
C THR D 213 28.73 32.54 -27.12
N ARG D 214 28.02 33.54 -26.60
CA ARG D 214 28.31 34.92 -27.01
C ARG D 214 29.50 35.53 -26.29
N ILE D 215 29.77 35.07 -25.08
CA ILE D 215 30.85 35.58 -24.24
C ILE D 215 31.63 34.38 -23.71
N GLU D 216 32.96 34.47 -23.74
CA GLU D 216 33.78 33.37 -23.22
C GLU D 216 33.67 33.30 -21.71
N PRO D 217 33.79 32.08 -21.13
CA PRO D 217 34.04 30.82 -21.84
C PRO D 217 32.75 30.21 -22.37
N LYS D 218 32.80 29.64 -23.56
CA LYS D 218 31.64 28.91 -24.06
C LYS D 218 31.39 27.68 -23.20
N ILE D 219 30.15 27.53 -22.73
CA ILE D 219 29.79 26.42 -21.85
C ILE D 219 28.42 25.88 -22.22
N GLY D 220 28.22 24.63 -21.85
CA GLY D 220 26.91 24.02 -21.88
C GLY D 220 26.41 23.82 -20.45
N TRP D 221 25.09 23.91 -20.27
CA TRP D 221 24.38 23.73 -19.00
C TRP D 221 23.33 22.63 -19.14
N TRP D 222 23.08 21.93 -18.04
CA TRP D 222 21.81 21.19 -17.88
C TRP D 222 21.44 21.27 -16.41
N VAL D 223 20.28 21.81 -16.10
CA VAL D 223 19.83 21.98 -14.72
C VAL D 223 18.40 21.47 -14.59
N GLY D 224 18.11 20.88 -13.42
CA GLY D 224 16.76 20.38 -13.19
C GLY D 224 16.70 19.43 -12.02
N TRP D 225 15.84 18.42 -12.13
CA TRP D 225 15.81 17.41 -11.08
C TRP D 225 15.29 16.09 -11.63
N VAL D 226 15.57 15.05 -10.85
CA VAL D 226 15.10 13.70 -11.09
C VAL D 226 14.11 13.36 -9.99
N GLU D 227 12.85 13.07 -10.36
CA GLU D 227 11.85 12.62 -9.42
C GLU D 227 11.88 11.10 -9.34
N LEU D 228 12.00 10.59 -8.12
CA LEU D 228 11.86 9.17 -7.83
C LEU D 228 10.60 8.96 -7.00
N ASP D 229 10.25 7.68 -6.78
CA ASP D 229 9.09 7.39 -5.97
C ASP D 229 9.15 8.07 -4.61
N ASP D 230 10.32 8.07 -3.97
CA ASP D 230 10.40 8.49 -2.57
C ASP D 230 11.48 9.55 -2.31
N ASN D 231 11.99 10.19 -3.35
CA ASN D 231 13.02 11.22 -3.17
C ASN D 231 13.06 12.03 -4.45
N VAL D 232 13.72 13.19 -4.38
N VAL D 232 13.71 13.19 -4.37
CA VAL D 232 13.99 13.98 -5.56
CA VAL D 232 14.02 14.01 -5.51
C VAL D 232 15.44 14.44 -5.50
C VAL D 232 15.51 14.31 -5.46
N TRP D 233 16.17 14.21 -6.60
CA TRP D 233 17.57 14.59 -6.72
C TRP D 233 17.66 15.79 -7.63
N PHE D 234 18.02 16.95 -7.09
CA PHE D 234 18.25 18.11 -7.91
C PHE D 234 19.62 18.02 -8.55
N PHE D 235 19.75 18.59 -9.75
CA PHE D 235 21.06 18.60 -10.38
C PHE D 235 21.31 19.88 -11.17
N ALA D 236 22.58 20.24 -11.26
CA ALA D 236 23.00 21.32 -12.13
C ALA D 236 24.41 21.00 -12.62
N MET D 237 24.61 21.06 -13.92
CA MET D 237 25.92 20.77 -14.48
C MET D 237 26.26 21.85 -15.49
N ASN D 238 27.55 22.19 -15.56
CA ASN D 238 28.01 22.90 -16.74
C ASN D 238 29.34 22.31 -17.16
N MET D 239 29.70 22.57 -18.41
CA MET D 239 30.93 22.02 -18.96
C MET D 239 31.40 22.93 -20.07
N ASP D 240 32.72 22.93 -20.26
CA ASP D 240 33.32 23.69 -21.34
C ASP D 240 32.82 23.13 -22.68
N MET D 241 32.46 24.02 -23.60
CA MET D 241 31.78 23.63 -24.84
C MET D 241 32.34 24.45 -25.99
N PRO D 242 33.54 24.12 -26.45
CA PRO D 242 34.17 24.94 -27.50
C PRO D 242 33.51 24.81 -28.86
N THR D 243 32.81 23.71 -29.12
CA THR D 243 32.04 23.53 -30.35
C THR D 243 30.71 22.88 -30.01
N SER D 244 29.72 23.09 -30.87
CA SER D 244 28.39 22.53 -30.67
C SER D 244 28.37 21.02 -30.77
N ASP D 245 29.44 20.41 -31.31
CA ASP D 245 29.47 18.97 -31.49
C ASP D 245 29.34 18.20 -30.18
N GLY D 246 29.72 18.81 -29.05
CA GLY D 246 29.69 18.14 -27.76
C GLY D 246 28.43 18.34 -26.93
N LEU D 247 27.38 18.93 -27.50
CA LEU D 247 26.24 19.30 -26.69
C LEU D 247 25.59 18.09 -26.03
N GLY D 248 25.60 16.93 -26.69
CA GLY D 248 24.98 15.74 -26.12
C GLY D 248 25.64 15.27 -24.85
N LEU D 249 26.88 15.69 -24.61
CA LEU D 249 27.56 15.30 -23.38
C LEU D 249 26.94 15.94 -22.15
N ARG D 250 26.17 17.02 -22.31
CA ARG D 250 25.52 17.60 -21.13
C ARG D 250 24.66 16.56 -20.44
N GLN D 251 23.76 15.94 -21.18
CA GLN D 251 22.91 14.90 -20.61
C GLN D 251 23.67 13.61 -20.37
N ALA D 252 24.57 13.23 -21.29
CA ALA D 252 25.20 11.92 -21.17
C ALA D 252 26.10 11.85 -19.95
N ILE D 253 26.86 12.90 -19.67
CA ILE D 253 27.74 12.86 -18.50
C ILE D 253 26.92 12.91 -17.22
N THR D 254 25.89 13.74 -17.20
CA THR D 254 25.00 13.77 -16.04
C THR D 254 24.42 12.39 -15.78
N LYS D 255 23.94 11.71 -16.82
CA LYS D 255 23.35 10.39 -16.62
C LYS D 255 24.39 9.36 -16.18
N GLU D 256 25.66 9.51 -16.59
CA GLU D 256 26.66 8.57 -16.10
C GLU D 256 26.88 8.76 -14.60
N VAL D 257 26.88 10.02 -14.15
CA VAL D 257 26.94 10.29 -12.72
C VAL D 257 25.72 9.73 -12.01
N LEU D 258 24.52 9.99 -12.54
CA LEU D 258 23.30 9.46 -11.92
C LEU D 258 23.35 7.94 -11.82
N LYS D 259 23.83 7.27 -12.88
CA LYS D 259 23.94 5.82 -12.86
C LYS D 259 24.97 5.36 -11.83
N GLN D 260 26.13 6.03 -11.78
CA GLN D 260 27.16 5.65 -10.84
C GLN D 260 26.63 5.67 -9.42
N GLU D 261 25.84 6.68 -9.09
CA GLU D 261 25.30 6.87 -7.76
C GLU D 261 24.00 6.11 -7.53
N LYS D 262 23.61 5.26 -8.48
CA LYS D 262 22.46 4.38 -8.31
C LYS D 262 21.15 5.16 -8.19
N ILE D 263 21.09 6.32 -8.79
CA ILE D 263 19.88 7.13 -8.79
C ILE D 263 18.95 6.71 -9.91
N ILE D 264 19.51 6.39 -11.08
CA ILE D 264 18.76 5.80 -12.18
C ILE D 264 19.45 4.51 -12.57
N PRO D 265 18.71 3.58 -13.20
CA PRO D 265 19.27 2.31 -13.71
C PRO D 265 20.27 2.51 -14.83
CL CL E . 3.71 17.15 -15.93
C1 EDO F . 5.38 8.81 -0.02
O1 EDO F . 6.48 8.92 0.88
C2 EDO F . 5.94 8.78 -1.41
O2 EDO F . 6.85 7.68 -1.53
H11 EDO F . 4.82 7.90 0.19
H12 EDO F . 4.72 9.67 0.11
HO1 EDO F . 6.15 8.94 1.79
H21 EDO F . 5.14 8.68 -2.14
H22 EDO F . 6.47 9.71 -1.62
HO2 EDO F . 7.21 7.65 -2.42
C1 EDO G . -5.64 -12.95 -24.02
O1 EDO G . -6.98 -12.45 -24.20
C2 EDO G . -4.76 -11.80 -23.57
O2 EDO G . -5.49 -11.02 -22.62
H11 EDO G . -5.64 -13.74 -23.28
H12 EDO G . -5.28 -13.36 -24.96
HO1 EDO G . -7.55 -13.17 -24.48
H21 EDO G . -3.86 -12.20 -23.10
H22 EDO G . -4.47 -11.19 -24.42
HO2 EDO G . -4.93 -10.28 -22.32
C1 EDO H . -8.64 23.98 -4.80
O1 EDO H . -8.95 24.60 -6.06
C2 EDO H . -8.31 22.51 -4.99
O2 EDO H . -7.46 22.32 -6.12
H11 EDO H . -7.78 24.49 -4.36
H12 EDO H . -9.48 24.08 -4.12
HO1 EDO H . -9.16 25.53 -5.91
H21 EDO H . -7.80 22.14 -4.10
H22 EDO H . -9.23 21.94 -5.12
HO2 EDO H . -7.27 21.39 -6.23
C1 EDO I . -4.31 3.34 3.46
O1 EDO I . -3.23 4.22 3.10
C2 EDO I . -4.06 1.94 2.91
O2 EDO I . -2.79 1.43 3.38
H11 EDO I . -4.40 3.31 4.54
H12 EDO I . -5.24 3.74 3.05
HO1 EDO I . -3.40 5.10 3.45
H21 EDO I . -4.86 1.28 3.24
H22 EDO I . -4.07 1.97 1.82
HO2 EDO I . -2.66 0.54 3.01
C11 5F3 J . -3.48 -2.21 -13.58
C12 5F3 J . -5.50 -3.56 -9.27
C7 5F3 J . -4.29 -3.36 -10.09
C8 5F3 J . -4.41 -3.05 -11.44
C9 5F3 J . -3.30 -2.76 -12.21
C10 5F3 J . -2.03 -2.84 -11.65
C2 5F3 J . 1.57 -2.36 -9.05
N1 5F3 J . -7.86 -4.10 -7.87
C6 5F3 J . -3.00 -3.43 -9.55
C5 5F3 J . -1.86 -3.20 -10.32
C4 5F3 J . -0.50 -3.32 -9.74
O 5F3 J . -4.58 -1.93 -14.01
O1 5F3 J . -2.38 -1.95 -14.20
C3 5F3 J . 0.27 -2.19 -9.48
N 5F3 J . 2.15 -3.55 -8.88
C1 5F3 J . 1.39 -4.62 -9.12
C 5F3 J . 0.08 -4.56 -9.54
C16 5F3 J . -6.65 -2.80 -9.46
C15 5F3 J . -7.79 -3.11 -8.76
C14 5F3 J . -6.75 -4.81 -7.67
C13 5F3 J . -5.56 -4.59 -8.32
H5 5F3 J . -5.40 -3.04 -11.90
H6 5F3 J . -1.15 -2.66 -12.26
H2 5F3 J . 2.20 -1.50 -8.85
H4 5F3 J . -2.89 -3.67 -8.50
H3 5F3 J . -0.14 -1.20 -9.60
H1 5F3 J . 1.88 -5.58 -8.96
H 5F3 J . -0.48 -5.47 -9.71
H11 5F3 J . -6.64 -1.96 -10.15
H10 5F3 J . -8.71 -2.54 -8.90
H9 5F3 J . -6.85 -5.60 -6.92
H8 5F3 J . -4.70 -5.21 -8.12
C11 5F3 K . 7.22 3.25 27.20
C12 5F3 K . 7.94 4.88 22.56
C7 5F3 K . 7.68 5.17 23.99
C8 5F3 K . 7.60 4.13 24.91
C9 5F3 K . 7.32 4.38 26.24
C10 5F3 K . 7.14 5.69 26.67
C2 5F3 K . 6.62 9.83 27.86
N1 5F3 K . 8.29 4.27 19.84
C6 5F3 K . 7.47 6.47 24.44
C5 5F3 K . 7.18 6.75 25.78
C4 5F3 K . 6.78 8.12 26.21
O 5F3 K . 7.13 3.61 28.44
O1 5F3 K . 7.11 2.10 26.81
C3 5F3 K . 7.07 8.59 27.48
N 5F3 K . 5.90 10.63 27.07
C1 5F3 K . 5.63 10.18 25.84
C 5F3 K . 6.05 8.95 25.37
C16 5F3 K . 7.59 5.79 21.56
C15 5F3 K . 7.79 5.44 20.24
C14 5F3 K . 8.63 3.41 20.80
C13 5F3 K . 8.48 3.67 22.15
H5 5F3 K . 7.75 3.11 24.58
H6 5F3 K . 6.97 5.90 27.73
H2 5F3 K . 6.83 10.23 28.85
H4 5F3 K . 7.53 7.29 23.73
H3 5F3 K . 7.66 7.98 28.18
H1 5F3 K . 5.05 10.85 25.22
H 5F3 K . 5.80 8.64 24.36
H11 5F3 K . 7.18 6.76 21.82
H10 5F3 K . 7.52 6.13 19.43
H9 5F3 K . 9.04 2.46 20.45
H8 5F3 K . 8.78 2.93 22.88
C1 EDO L . 0.92 -20.22 26.71
O1 EDO L . 0.18 -20.01 25.49
C2 EDO L . 1.49 -21.62 26.83
O2 EDO L . 2.69 -21.73 26.05
H11 EDO L . 1.73 -19.50 26.77
H12 EDO L . 0.26 -20.04 27.56
HO1 EDO L . -0.16 -19.11 25.48
H21 EDO L . 1.72 -21.84 27.88
H22 EDO L . 0.76 -22.35 26.48
HO2 EDO L . 3.04 -22.63 26.14
C1 EDO M . 13.59 -26.31 43.91
O1 EDO M . 12.50 -27.24 43.76
C2 EDO M . 13.10 -24.90 43.61
O2 EDO M . 12.41 -24.39 44.74
H11 EDO M . 13.97 -26.36 44.94
H12 EDO M . 14.40 -26.58 43.23
HO1 EDO M . 12.81 -28.13 43.95
H21 EDO M . 13.95 -24.26 43.37
H22 EDO M . 12.43 -24.92 42.76
HO2 EDO M . 12.11 -23.49 44.56
C1 EDO N . 27.26 -16.69 20.68
O1 EDO N . 26.49 -17.88 20.93
C2 EDO N . 26.34 -15.48 20.75
O2 EDO N . 25.64 -15.49 22.00
H11 EDO N . 28.05 -16.61 21.42
H12 EDO N . 27.71 -16.75 19.69
HO1 EDO N . 27.07 -18.65 20.88
H21 EDO N . 26.93 -14.56 20.67
H22 EDO N . 25.63 -15.50 19.93
HO2 EDO N . 25.06 -14.73 22.06
CL CL O . -30.04 -34.38 7.21
C1 EDO P . -24.88 -2.15 -1.66
O1 EDO P . -24.03 -3.28 -1.87
C2 EDO P . -25.48 -2.17 -0.26
O2 EDO P . -25.30 -3.44 0.35
H11 EDO P . -24.31 -1.23 -1.80
H12 EDO P . -25.68 -2.15 -2.41
HO1 EDO P . -23.65 -3.24 -2.77
H21 EDO P . -25.00 -1.40 0.35
H22 EDO P . -26.55 -1.94 -0.32
HO2 EDO P . -25.69 -3.43 1.24
C1 EDO Q . -4.12 -14.36 9.98
O1 EDO Q . -3.88 -12.95 9.91
C2 EDO Q . -3.87 -14.89 11.40
O2 EDO Q . -2.47 -14.87 11.63
H11 EDO Q . -5.16 -14.56 9.68
H12 EDO Q . -3.47 -14.88 9.27
HO1 EDO Q . -4.04 -12.64 9.00
H21 EDO Q . -4.39 -14.27 12.12
H22 EDO Q . -4.26 -15.92 11.49
HO2 EDO Q . -2.29 -15.20 12.53
C1 EDO R . -27.83 -13.41 -7.04
O1 EDO R . -27.92 -13.99 -8.36
C2 EDO R . -29.20 -13.17 -6.45
O2 EDO R . -29.87 -14.41 -6.21
H11 EDO R . -27.26 -14.08 -6.39
H12 EDO R . -27.29 -12.46 -7.10
HO1 EDO R . -27.03 -14.13 -8.71
H21 EDO R . -29.11 -12.62 -5.51
H22 EDO R . -29.80 -12.56 -7.14
HO2 EDO R . -30.74 -14.25 -5.84
C1 EDO S . -37.76 -19.77 12.09
O1 EDO S . -37.12 -21.05 12.05
C2 EDO S . -38.93 -19.87 13.04
O2 EDO S . -38.49 -20.39 14.28
H11 EDO S . -37.06 -19.01 12.43
H12 EDO S . -38.10 -19.50 11.09
HO1 EDO S . -36.36 -21.01 11.45
H21 EDO S . -39.37 -18.87 13.19
H22 EDO S . -39.70 -20.51 12.61
HO2 EDO S . -39.24 -20.45 14.89
C1 EDO T . -1.71 -26.06 -1.26
O1 EDO T . -2.39 -24.82 -1.43
C2 EDO T . -0.25 -25.95 -1.70
O2 EDO T . 0.33 -24.78 -1.12
H11 EDO T . -1.74 -26.36 -0.21
H12 EDO T . -2.20 -26.84 -1.84
HO1 EDO T . -3.30 -24.92 -1.15
H21 EDO T . 0.29 -26.84 -1.39
H22 EDO T . -0.20 -25.88 -2.79
HO2 EDO T . 1.26 -24.71 -1.41
C11 5F3 U . -14.78 -23.25 -1.82
C12 5F3 U . -15.65 -18.75 -3.73
C7 5F3 U . -15.62 -20.22 -3.89
C8 5F3 U . -15.09 -21.03 -2.88
C9 5F3 U . -15.15 -22.41 -2.98
C10 5F3 U . -15.69 -23.00 -4.12
C2 5F3 U . -18.75 -24.10 -7.19
N1 5F3 U . -15.67 -15.96 -3.41
C6 5F3 U . -16.16 -20.83 -5.02
C5 5F3 U . -16.22 -22.23 -5.14
C4 5F3 U . -16.91 -22.88 -6.28
O 5F3 U . -14.89 -24.53 -2.03
O1 5F3 U . -14.52 -22.75 -0.73
C3 5F3 U . -18.17 -23.44 -6.13
N 5F3 U . -18.17 -24.22 -8.39
C1 5F3 U . -16.97 -23.66 -8.54
C 5F3 U . -16.31 -22.98 -7.52
C16 5F3 U . -16.10 -18.16 -2.56
C15 5F3 U . -16.07 -16.78 -2.44
C14 5F3 U . -15.26 -16.53 -4.54
C13 5F3 U . -15.23 -17.90 -4.76
H5 5F3 U . -14.64 -20.57 -2.01
H6 5F3 U . -15.70 -24.09 -4.22
H2 5F3 U . -19.74 -24.55 -7.11
H4 5F3 U . -16.56 -20.22 -5.82
H3 5F3 U . -18.70 -23.38 -5.18
H1 5F3 U . -16.52 -23.78 -9.52
H 5F3 U . -15.34 -22.54 -7.71
H11 5F3 U . -16.45 -18.77 -1.73
H10 5F3 U . -16.40 -16.29 -1.52
H9 5F3 U . -14.94 -15.83 -5.32
H8 5F3 U . -14.87 -18.30 -5.70
C11 5F3 V . 20.86 23.55 -27.04
C12 5F3 V . 21.24 28.21 -28.78
C7 5F3 V . 21.37 26.74 -28.98
C8 5F3 V . 21.05 25.85 -27.96
C9 5F3 V . 21.19 24.48 -28.14
C10 5F3 V . 21.64 23.99 -29.36
C2 5F3 V . 23.03 22.58 -33.21
N1 5F3 V . 21.14 30.97 -28.32
C6 5F3 V . 21.84 26.23 -30.19
C5 5F3 V . 22.00 24.85 -30.39
C4 5F3 V . 22.63 24.33 -31.63
O 5F3 V . 20.67 23.95 -25.89
O1 5F3 V . 20.87 22.28 -27.38
C3 5F3 V . 22.40 23.03 -32.06
N 5F3 V . 23.85 23.32 -33.95
C1 5F3 V . 24.06 24.58 -33.53
C 5F3 V . 23.49 25.11 -32.40
C16 5F3 V . 20.66 28.73 -27.62
C15 5F3 V . 20.65 30.10 -27.43
C14 5F3 V . 21.67 30.47 -29.43
C13 5F3 V . 21.75 29.12 -29.70
H5 5F3 V . 20.70 26.24 -27.01
H6 5F3 V . 21.71 22.92 -29.53
H2 5F3 V . 22.86 21.56 -33.58
H4 5F3 V . 22.10 26.92 -31.00
H3 5F3 V . 21.74 22.37 -31.51
H1 5F3 V . 24.73 25.17 -34.16
H 5F3 V . 23.71 26.15 -32.11
H11 5F3 V . 20.24 28.07 -26.86
H10 5F3 V . 20.21 30.54 -26.54
H9 5F3 V . 22.05 31.22 -30.13
H8 5F3 V . 22.21 28.77 -30.63
C1 EDO W . 36.72 17.38 -14.82
O1 EDO W . 36.70 18.72 -15.32
C2 EDO W . 38.01 16.70 -15.28
O2 EDO W . 39.05 16.91 -14.32
H11 EDO W . 36.67 17.39 -13.74
H12 EDO W . 35.86 16.83 -15.20
HO1 EDO W . 35.89 19.16 -15.04
H21 EDO W . 37.83 15.63 -15.40
H22 EDO W . 38.31 17.10 -16.25
HO2 EDO W . 39.85 16.48 -14.61
#